data_6C0E
#
_entry.id   6C0E
#
_cell.length_a   92.960
_cell.length_b   62.290
_cell.length_c   144.820
_cell.angle_alpha   90.000
_cell.angle_beta   98.830
_cell.angle_gamma   90.000
#
_symmetry.space_group_name_H-M   'C 1 2 1'
#
loop_
_entity.id
_entity.type
_entity.pdbx_description
1 polymer 'Isocitrate dehydrogenase'
2 non-polymer '(3~{S})-3-[(4~{S})-3-aminocarbonyl-1-[(2~{R},3~{R},4~{S},5~{R})-5-[[[[(2~{R},3~{R},4~{R},5~{R})-5-(6-aminopurin-9-yl)-3-oxidanyl-4-phosphonooxy-oxolan-2-yl]methoxy-oxidanyl-phosphoryl]oxy-oxidanyl-phosphoryl]oxymethyl]-3,4-bis(oxidanyl)oxolan-2-yl]-4~{H}-pyridin-4-yl]-2-oxidanylidene-pentanedioic acid'
3 non-polymer GLYCINE
4 non-polymer 'CHLORIDE ION'
5 water water
#
_entity_poly.entity_id   1
_entity_poly.type   'polypeptide(L)'
_entity_poly.pdbx_seq_one_letter_code
;SMTYDKIKVPAQGEAITVAADHSLHVPDNPIIPFIEGDGIGVDVTPPMIRVVDAAVQKAYGNKRKISWMEVYAGEKATKV
YGGDQWLPKETLDAMKKYVVSIKGPLTTPVGGGIRSLNVAIRQDMDLYVCLRPIRYFNGVPSPVREPWKTDMVIFRENSE
DIYAGIEWQADTPEAKKVIQFLTKEMGVKKIRFPEHCGIGVKPVSREGTTRLVKAAIQYAIDNDRSTVTLVHKGNIMKFT
EGAFKDWGYQVARDSFGAKEYQGGPWMEFKNPKTGKQIIINDVIADAFLQQILLRPEDYSVIATLNLNGDYISDALAAQV
GGIGIAPGANISDQMAVFEATHGTAPKYAGQNKVNPGSIILSAEMMLRHMGWYEAADLIIRGMEGAIEAKTVTYDFERGM
QGATLVSSSGFADAMIKHM
;
_entity_poly.pdbx_strand_id   A,B
#
# COMPACT_ATOMS: atom_id res chain seq x y z
N SER A 1 -26.81 12.94 -36.11
CA SER A 1 -26.30 12.96 -37.47
C SER A 1 -24.82 13.36 -37.50
N MET A 2 -24.40 14.12 -36.48
CA MET A 2 -23.12 14.82 -36.51
C MET A 2 -21.96 13.83 -36.53
N THR A 3 -21.06 14.01 -37.49
CA THR A 3 -19.86 13.19 -37.55
C THR A 3 -18.78 13.74 -36.62
N TYR A 4 -17.74 12.93 -36.42
CA TYR A 4 -16.61 13.29 -35.58
C TYR A 4 -15.49 13.89 -36.44
N ASP A 5 -14.45 14.42 -35.76
CA ASP A 5 -13.27 14.93 -36.45
C ASP A 5 -12.37 13.79 -36.94
N LYS A 6 -12.05 12.83 -36.06
CA LYS A 6 -11.17 11.72 -36.40
C LYS A 6 -11.78 10.34 -36.17
N ILE A 7 -12.79 10.22 -35.30
CA ILE A 7 -13.48 8.97 -35.06
C ILE A 7 -14.35 8.62 -36.27
N LYS A 8 -14.43 7.33 -36.59
CA LYS A 8 -15.28 6.84 -37.68
C LYS A 8 -16.29 5.85 -37.11
N VAL A 9 -17.57 6.18 -37.21
CA VAL A 9 -18.60 5.24 -36.76
C VAL A 9 -18.66 4.06 -37.73
N PRO A 10 -18.64 2.82 -37.24
CA PRO A 10 -18.65 1.67 -38.15
C PRO A 10 -19.86 1.67 -39.06
N ALA A 11 -19.63 1.22 -40.31
CA ALA A 11 -20.68 1.22 -41.32
C ALA A 11 -21.83 0.29 -40.94
N GLN A 12 -21.53 -0.77 -40.21
CA GLN A 12 -22.52 -1.68 -39.68
C GLN A 12 -22.36 -1.66 -38.18
N GLY A 13 -23.46 -1.65 -37.46
CA GLY A 13 -23.38 -1.59 -36.01
C GLY A 13 -24.39 -0.62 -35.44
N GLU A 14 -24.79 -0.88 -34.19
CA GLU A 14 -25.80 -0.08 -33.52
CA GLU A 14 -25.82 -0.11 -33.52
C GLU A 14 -25.36 0.16 -32.09
N ALA A 15 -25.77 1.30 -31.53
CA ALA A 15 -25.37 1.66 -30.17
C ALA A 15 -26.15 0.87 -29.12
N ILE A 16 -25.42 0.43 -28.08
CA ILE A 16 -26.05 0.01 -26.84
C ILE A 16 -26.78 1.21 -26.23
N THR A 17 -27.94 0.95 -25.64
CA THR A 17 -28.71 1.98 -24.98
C THR A 17 -29.15 1.49 -23.61
N VAL A 18 -29.51 2.43 -22.74
CA VAL A 18 -30.06 2.08 -21.44
C VAL A 18 -31.58 1.94 -21.59
N ALA A 19 -32.10 0.76 -21.25
CA ALA A 19 -33.53 0.52 -21.36
C ALA A 19 -34.29 1.37 -20.34
N ALA A 20 -35.60 1.50 -20.59
CA ALA A 20 -36.44 2.28 -19.69
C ALA A 20 -36.36 1.76 -18.25
N ASP A 21 -36.20 0.44 -18.07
CA ASP A 21 -36.07 -0.16 -16.75
C ASP A 21 -34.65 -0.12 -16.20
N HIS A 22 -33.72 0.57 -16.88
CA HIS A 22 -32.35 0.87 -16.48
C HIS A 22 -31.42 -0.33 -16.64
N SER A 23 -31.86 -1.39 -17.32
CA SER A 23 -30.95 -2.41 -17.80
C SER A 23 -30.41 -1.97 -19.15
N LEU A 24 -29.47 -2.74 -19.69
CA LEU A 24 -28.89 -2.42 -21.00
C LEU A 24 -29.67 -3.12 -22.09
N HIS A 25 -29.95 -2.39 -23.16
CA HIS A 25 -30.37 -3.03 -24.41
C HIS A 25 -29.15 -3.13 -25.30
N VAL A 26 -28.72 -4.35 -25.58
CA VAL A 26 -27.51 -4.62 -26.35
C VAL A 26 -27.94 -5.18 -27.70
N PRO A 27 -27.73 -4.44 -28.80
CA PRO A 27 -27.99 -5.00 -30.13
C PRO A 27 -27.10 -6.20 -30.39
N ASP A 28 -27.52 -7.03 -31.36
CA ASP A 28 -26.68 -8.14 -31.74
C ASP A 28 -25.45 -7.69 -32.50
N ASN A 29 -25.44 -6.46 -32.99
CA ASN A 29 -24.32 -5.83 -33.68
CA ASN A 29 -24.28 -5.85 -33.66
C ASN A 29 -23.91 -4.56 -32.94
N PRO A 30 -23.42 -4.67 -31.70
CA PRO A 30 -23.11 -3.47 -30.90
C PRO A 30 -21.81 -2.77 -31.31
N ILE A 31 -21.82 -1.44 -31.23
CA ILE A 31 -20.61 -0.65 -31.39
C ILE A 31 -19.90 -0.58 -30.05
N ILE A 32 -18.62 -0.93 -30.04
CA ILE A 32 -17.82 -0.85 -28.81
C ILE A 32 -16.62 0.07 -29.06
N PRO A 33 -16.56 1.24 -28.43
CA PRO A 33 -15.34 2.07 -28.51
C PRO A 33 -14.22 1.39 -27.76
N PHE A 34 -13.01 1.49 -28.32
CA PHE A 34 -11.82 1.03 -27.62
C PHE A 34 -10.66 2.00 -27.79
N ILE A 35 -9.82 2.08 -26.75
CA ILE A 35 -8.57 2.82 -26.76
C ILE A 35 -7.43 1.82 -26.80
N GLU A 36 -6.50 1.97 -27.77
CA GLU A 36 -5.42 0.99 -27.89
C GLU A 36 -4.53 1.01 -26.65
N GLY A 37 -4.12 2.19 -26.21
CA GLY A 37 -3.25 2.27 -25.05
C GLY A 37 -1.82 2.60 -25.45
N ASP A 38 -1.12 3.32 -24.57
CA ASP A 38 0.31 3.60 -24.73
C ASP A 38 1.14 2.36 -24.39
N GLY A 39 2.41 2.37 -24.81
CA GLY A 39 3.30 1.32 -24.34
C GLY A 39 2.83 -0.05 -24.77
N ILE A 40 2.70 -0.97 -23.81
CA ILE A 40 2.24 -2.33 -24.09
C ILE A 40 0.78 -2.44 -24.53
N GLY A 41 0.02 -1.34 -24.51
CA GLY A 41 -1.29 -1.34 -25.17
C GLY A 41 -1.22 -1.87 -26.59
N VAL A 42 -0.16 -1.55 -27.34
CA VAL A 42 -0.05 -2.04 -28.71
CA VAL A 42 -0.06 -2.04 -28.70
C VAL A 42 0.14 -3.55 -28.72
N ASP A 43 0.72 -4.12 -27.65
CA ASP A 43 0.93 -5.55 -27.59
C ASP A 43 -0.32 -6.32 -27.14
N VAL A 44 -1.18 -5.75 -26.30
CA VAL A 44 -2.24 -6.53 -25.68
C VAL A 44 -3.63 -6.22 -26.24
N THR A 45 -3.88 -5.00 -26.73
CA THR A 45 -5.22 -4.67 -27.21
C THR A 45 -5.58 -5.41 -28.49
N PRO A 46 -4.74 -5.48 -29.52
CA PRO A 46 -5.14 -6.20 -30.74
C PRO A 46 -5.40 -7.69 -30.49
N PRO A 47 -4.59 -8.38 -29.66
CA PRO A 47 -4.95 -9.78 -29.36
C PRO A 47 -6.27 -9.90 -28.60
N MET A 48 -6.54 -8.99 -27.68
CA MET A 48 -7.82 -9.00 -26.96
C MET A 48 -8.99 -8.96 -27.94
N ILE A 49 -8.93 -8.05 -28.92
CA ILE A 49 -10.01 -7.94 -29.90
C ILE A 49 -10.20 -9.25 -30.66
N ARG A 50 -9.09 -9.88 -31.10
CA ARG A 50 -9.21 -11.17 -31.77
C ARG A 50 -9.86 -12.22 -30.87
N VAL A 51 -9.44 -12.27 -29.61
CA VAL A 51 -9.99 -13.29 -28.70
C VAL A 51 -11.48 -13.07 -28.50
N VAL A 52 -11.89 -11.82 -28.32
CA VAL A 52 -13.33 -11.52 -28.15
C VAL A 52 -14.09 -11.91 -29.42
N ASP A 53 -13.53 -11.54 -30.59
CA ASP A 53 -14.22 -11.83 -31.85
C ASP A 53 -14.38 -13.33 -32.03
N ALA A 54 -13.36 -14.09 -31.64
CA ALA A 54 -13.41 -15.54 -31.80
C ALA A 54 -14.43 -16.17 -30.86
N ALA A 55 -14.51 -15.67 -29.62
CA ALA A 55 -15.51 -16.16 -28.68
C ALA A 55 -16.92 -15.85 -29.15
N VAL A 56 -17.11 -14.65 -29.69
CA VAL A 56 -18.43 -14.24 -30.17
C VAL A 56 -18.83 -15.04 -31.40
N GLN A 57 -17.88 -15.31 -32.31
CA GLN A 57 -18.20 -16.11 -33.50
C GLN A 57 -18.53 -17.55 -33.13
N LYS A 58 -17.82 -18.12 -32.15
CA LYS A 58 -18.03 -19.51 -31.81
C LYS A 58 -19.29 -19.70 -31.00
N ALA A 59 -19.64 -18.73 -30.15
CA ALA A 59 -20.83 -18.82 -29.32
C ALA A 59 -22.11 -18.54 -30.11
N TYR A 60 -22.04 -17.61 -31.07
CA TYR A 60 -23.25 -17.14 -31.73
C TYR A 60 -23.28 -17.30 -33.23
N GLY A 61 -22.19 -17.71 -33.88
CA GLY A 61 -22.22 -17.81 -35.34
C GLY A 61 -22.37 -16.45 -36.02
N ASN A 62 -23.11 -16.43 -37.13
CA ASN A 62 -23.30 -15.16 -37.84
C ASN A 62 -24.18 -14.18 -37.08
N LYS A 63 -24.80 -14.60 -35.97
CA LYS A 63 -25.92 -13.85 -35.42
C LYS A 63 -25.50 -12.60 -34.67
N ARG A 64 -24.32 -12.61 -34.07
CA ARG A 64 -23.80 -11.48 -33.30
C ARG A 64 -22.38 -11.18 -33.74
N LYS A 65 -22.01 -9.89 -33.69
CA LYS A 65 -20.67 -9.45 -34.06
C LYS A 65 -20.45 -8.07 -33.46
N ILE A 66 -19.31 -7.87 -32.82
CA ILE A 66 -19.00 -6.56 -32.27
C ILE A 66 -18.44 -5.66 -33.39
N SER A 67 -18.94 -4.43 -33.47
CA SER A 67 -18.36 -3.43 -34.36
C SER A 67 -17.42 -2.57 -33.52
N TRP A 68 -16.13 -2.88 -33.58
CA TRP A 68 -15.15 -2.13 -32.81
C TRP A 68 -14.95 -0.75 -33.42
N MET A 69 -14.91 0.28 -32.56
CA MET A 69 -14.76 1.67 -33.03
C MET A 69 -13.59 2.29 -32.27
N GLU A 70 -12.49 2.57 -32.99
CA GLU A 70 -11.34 3.13 -32.28
C GLU A 70 -11.57 4.57 -31.88
N VAL A 71 -11.13 4.92 -30.68
CA VAL A 71 -11.15 6.28 -30.16
C VAL A 71 -9.79 6.45 -29.51
N TYR A 72 -9.35 7.70 -29.33
CA TYR A 72 -7.92 7.94 -29.14
C TYR A 72 -7.63 8.67 -27.83
N ALA A 73 -6.55 8.25 -27.17
CA ALA A 73 -6.01 8.92 -25.99
C ALA A 73 -4.52 8.64 -25.92
N GLY A 74 -3.79 9.52 -25.24
CA GLY A 74 -2.37 9.29 -25.05
C GLY A 74 -1.55 9.66 -26.28
N GLU A 75 -0.43 8.95 -26.47
CA GLU A 75 0.48 9.24 -27.57
CA GLU A 75 0.48 9.25 -27.56
C GLU A 75 -0.24 9.17 -28.91
N LYS A 76 -1.08 8.16 -29.08
CA LYS A 76 -1.76 8.00 -30.37
C LYS A 76 -2.70 9.15 -30.65
N ALA A 77 -3.36 9.67 -29.59
CA ALA A 77 -4.15 10.89 -29.76
C ALA A 77 -3.30 12.06 -30.21
N THR A 78 -2.12 12.28 -29.61
CA THR A 78 -1.30 13.39 -30.08
C THR A 78 -0.81 13.17 -31.52
N LYS A 79 -0.64 11.91 -31.91
CA LYS A 79 -0.33 11.62 -33.32
C LYS A 79 -1.49 11.99 -34.24
N VAL A 80 -2.70 11.56 -33.88
CA VAL A 80 -3.84 11.71 -34.77
C VAL A 80 -4.40 13.14 -34.74
N TYR A 81 -4.45 13.76 -33.55
CA TYR A 81 -5.10 15.06 -33.39
C TYR A 81 -4.15 16.24 -33.36
N GLY A 82 -2.87 16.02 -33.08
CA GLY A 82 -1.90 17.10 -32.99
C GLY A 82 -1.31 17.23 -31.59
N GLY A 83 -0.26 18.04 -31.52
CA GLY A 83 0.49 18.14 -30.27
C GLY A 83 -0.37 18.60 -29.11
N ASP A 84 -0.13 18.01 -27.94
CA ASP A 84 -0.82 18.30 -26.68
C ASP A 84 -2.28 17.86 -26.64
N GLN A 85 -2.80 17.20 -27.67
CA GLN A 85 -4.19 16.75 -27.68
CA GLN A 85 -4.20 16.77 -27.65
C GLN A 85 -4.29 15.33 -27.10
N TRP A 86 -3.95 15.23 -25.81
CA TRP A 86 -3.80 13.94 -25.15
C TRP A 86 -5.13 13.23 -24.92
N LEU A 87 -6.21 13.98 -24.77
CA LEU A 87 -7.52 13.40 -24.48
C LEU A 87 -8.58 14.26 -25.13
N PRO A 88 -8.78 14.09 -26.44
CA PRO A 88 -9.78 14.89 -27.17
C PRO A 88 -11.15 14.75 -26.53
N LYS A 89 -11.90 15.86 -26.52
CA LYS A 89 -13.26 15.81 -26.02
C LYS A 89 -14.09 14.73 -26.72
N GLU A 90 -13.90 14.57 -28.05
CA GLU A 90 -14.77 13.60 -28.73
C GLU A 90 -14.49 12.16 -28.31
N THR A 91 -13.28 11.86 -27.81
CA THR A 91 -13.05 10.55 -27.19
C THR A 91 -14.03 10.31 -26.06
N LEU A 92 -14.12 11.26 -25.12
CA LEU A 92 -15.05 11.17 -24.01
C LEU A 92 -16.50 11.20 -24.48
N ASP A 93 -16.80 12.06 -25.46
CA ASP A 93 -18.15 12.10 -26.01
C ASP A 93 -18.59 10.71 -26.46
N ALA A 94 -17.70 10.03 -27.20
CA ALA A 94 -18.05 8.74 -27.80
C ALA A 94 -18.17 7.66 -26.75
N MET A 95 -17.28 7.65 -25.76
CA MET A 95 -17.36 6.60 -24.74
CA MET A 95 -17.36 6.61 -24.73
C MET A 95 -18.64 6.74 -23.91
N LYS A 96 -19.07 7.96 -23.65
CA LYS A 96 -20.33 8.16 -22.95
C LYS A 96 -21.53 7.76 -23.80
N LYS A 97 -21.54 8.19 -25.06
CA LYS A 97 -22.68 7.89 -25.93
C LYS A 97 -22.88 6.38 -26.10
N TYR A 98 -21.79 5.63 -26.32
CA TYR A 98 -21.90 4.22 -26.63
C TYR A 98 -21.87 3.33 -25.39
N VAL A 99 -21.73 3.92 -24.19
CA VAL A 99 -22.08 3.34 -22.89
C VAL A 99 -21.03 2.37 -22.36
N VAL A 100 -20.60 1.41 -23.20
CA VAL A 100 -19.69 0.34 -22.80
C VAL A 100 -18.44 0.45 -23.67
N SER A 101 -17.26 0.54 -23.04
CA SER A 101 -16.00 0.61 -23.80
CA SER A 101 -15.98 0.67 -23.77
C SER A 101 -14.89 -0.14 -23.07
N ILE A 102 -13.73 -0.24 -23.74
CA ILE A 102 -12.57 -0.91 -23.14
C ILE A 102 -11.30 -0.15 -23.55
N LYS A 103 -10.34 -0.05 -22.63
CA LYS A 103 -9.12 0.70 -22.91
C LYS A 103 -7.87 -0.07 -22.50
N GLY A 104 -6.81 0.10 -23.31
CA GLY A 104 -5.49 -0.24 -22.87
C GLY A 104 -5.00 0.77 -21.84
N PRO A 105 -3.78 0.55 -21.34
CA PRO A 105 -3.23 1.49 -20.35
C PRO A 105 -2.72 2.76 -21.01
N LEU A 106 -2.63 3.83 -20.22
CA LEU A 106 -2.09 5.10 -20.70
C LEU A 106 -0.99 5.58 -19.78
N THR A 107 0.01 6.23 -20.37
CA THR A 107 1.20 6.64 -19.64
C THR A 107 0.97 7.94 -18.88
N THR A 108 1.40 7.97 -17.62
CA THR A 108 1.38 9.18 -16.81
C THR A 108 2.80 9.46 -16.37
N PRO A 109 3.36 10.62 -16.69
CA PRO A 109 4.74 10.92 -16.29
C PRO A 109 4.86 11.14 -14.80
N VAL A 110 6.05 10.85 -14.29
CA VAL A 110 6.36 10.96 -12.87
C VAL A 110 6.98 12.32 -12.58
N GLY A 111 6.46 13.01 -11.56
CA GLY A 111 7.08 14.22 -11.04
C GLY A 111 6.81 15.47 -11.82
N GLY A 112 6.09 15.36 -12.94
CA GLY A 112 5.76 16.51 -13.76
C GLY A 112 4.89 16.03 -14.90
N GLY A 113 4.74 16.91 -15.90
CA GLY A 113 4.01 16.47 -17.08
C GLY A 113 2.50 16.38 -16.86
N ILE A 114 1.83 15.72 -17.80
CA ILE A 114 0.37 15.70 -17.79
C ILE A 114 -0.16 14.94 -16.57
N ARG A 115 -1.31 15.37 -16.08
CA ARG A 115 -2.03 14.56 -15.11
C ARG A 115 -2.59 13.32 -15.78
N SER A 116 -2.71 12.26 -14.99
CA SER A 116 -3.11 10.95 -15.53
C SER A 116 -4.37 11.04 -16.36
N LEU A 117 -4.27 10.52 -17.58
CA LEU A 117 -5.43 10.43 -18.46
C LEU A 117 -6.39 9.35 -17.99
N ASN A 118 -5.88 8.34 -17.27
CA ASN A 118 -6.75 7.31 -16.74
C ASN A 118 -7.67 7.87 -15.66
N VAL A 119 -7.10 8.65 -14.74
CA VAL A 119 -7.90 9.40 -13.77
C VAL A 119 -8.82 10.38 -14.49
N ALA A 120 -8.31 11.06 -15.54
CA ALA A 120 -9.12 12.05 -16.23
C ALA A 120 -10.39 11.42 -16.82
N ILE A 121 -10.23 10.24 -17.42
CA ILE A 121 -11.40 9.52 -17.96
C ILE A 121 -12.35 9.12 -16.84
N ARG A 122 -11.82 8.55 -15.76
CA ARG A 122 -12.68 8.15 -14.64
C ARG A 122 -13.45 9.33 -14.06
N GLN A 123 -12.81 10.48 -13.91
CA GLN A 123 -13.48 11.61 -13.29
C GLN A 123 -14.47 12.30 -14.23
N ASP A 124 -14.11 12.44 -15.50
CA ASP A 124 -15.02 13.06 -16.47
C ASP A 124 -16.30 12.25 -16.60
N MET A 125 -16.18 10.92 -16.64
CA MET A 125 -17.33 10.04 -16.78
C MET A 125 -17.97 9.70 -15.45
N ASP A 126 -17.38 10.15 -14.34
CA ASP A 126 -17.87 9.89 -12.98
C ASP A 126 -18.08 8.41 -12.73
N LEU A 127 -17.11 7.59 -13.20
CA LEU A 127 -17.11 6.14 -12.99
C LEU A 127 -16.55 5.85 -11.60
N TYR A 128 -17.41 5.99 -10.60
CA TYR A 128 -16.90 6.07 -9.23
C TYR A 128 -16.55 4.72 -8.63
N VAL A 129 -16.91 3.62 -9.28
CA VAL A 129 -16.49 2.29 -8.85
C VAL A 129 -15.33 1.82 -9.74
N CYS A 130 -14.21 1.48 -9.12
CA CYS A 130 -13.17 0.68 -9.75
C CYS A 130 -13.29 -0.74 -9.21
N LEU A 131 -13.76 -1.66 -10.03
CA LEU A 131 -14.07 -3.01 -9.59
C LEU A 131 -12.99 -3.97 -10.08
N ARG A 132 -12.30 -4.63 -9.15
CA ARG A 132 -11.19 -5.51 -9.50
C ARG A 132 -11.33 -6.88 -8.84
N PRO A 133 -11.82 -7.88 -9.58
CA PRO A 133 -11.86 -9.26 -9.07
C PRO A 133 -10.47 -9.88 -9.03
N ILE A 134 -10.17 -10.55 -7.92
CA ILE A 134 -8.92 -11.27 -7.71
C ILE A 134 -9.26 -12.76 -7.70
N ARG A 135 -8.89 -13.47 -8.77
CA ARG A 135 -9.26 -14.86 -8.94
C ARG A 135 -8.04 -15.69 -9.32
N TYR A 136 -7.92 -16.87 -8.72
CA TYR A 136 -6.82 -17.77 -9.04
C TYR A 136 -7.29 -18.78 -10.09
N PHE A 137 -6.58 -18.82 -11.24
CA PHE A 137 -6.80 -19.86 -12.24
C PHE A 137 -5.85 -21.02 -12.02
N ASN A 138 -6.40 -22.23 -12.03
CA ASN A 138 -5.62 -23.42 -11.73
C ASN A 138 -4.43 -23.52 -12.66
N GLY A 139 -3.25 -23.79 -12.09
CA GLY A 139 -2.05 -23.96 -12.86
C GLY A 139 -1.20 -22.70 -13.02
N VAL A 140 -1.74 -21.53 -12.68
CA VAL A 140 -0.94 -20.30 -12.76
C VAL A 140 0.12 -20.33 -11.68
N PRO A 141 1.38 -19.98 -11.98
CA PRO A 141 2.40 -19.95 -10.93
C PRO A 141 2.08 -18.84 -9.92
N SER A 142 2.34 -19.14 -8.64
CA SER A 142 2.11 -18.21 -7.56
C SER A 142 3.31 -18.20 -6.62
N PRO A 143 3.63 -17.02 -6.06
CA PRO A 143 4.66 -16.96 -5.01
C PRO A 143 4.22 -17.60 -3.73
N VAL A 144 2.92 -17.79 -3.57
CA VAL A 144 2.25 -18.26 -2.36
C VAL A 144 2.00 -19.76 -2.49
N ARG A 145 2.06 -20.47 -1.35
CA ARG A 145 1.91 -21.92 -1.36
C ARG A 145 0.50 -22.38 -1.67
N GLU A 146 -0.52 -21.62 -1.27
CA GLU A 146 -1.92 -22.00 -1.46
C GLU A 146 -2.69 -20.85 -2.10
N PRO A 147 -2.37 -20.54 -3.36
CA PRO A 147 -3.00 -19.37 -4.00
C PRO A 147 -4.52 -19.49 -4.16
N TRP A 148 -5.06 -20.71 -4.17
CA TRP A 148 -6.49 -20.89 -4.31
C TRP A 148 -7.29 -20.32 -3.13
N LYS A 149 -6.65 -20.06 -1.99
CA LYS A 149 -7.39 -19.45 -0.89
C LYS A 149 -7.67 -17.97 -1.11
N THR A 150 -7.04 -17.35 -2.11
CA THR A 150 -7.23 -15.93 -2.40
C THR A 150 -8.37 -15.77 -3.40
N ASP A 151 -9.51 -15.28 -2.94
CA ASP A 151 -10.72 -15.12 -3.75
C ASP A 151 -11.44 -13.86 -3.24
N MET A 152 -11.11 -12.72 -3.84
CA MET A 152 -11.59 -11.43 -3.33
C MET A 152 -12.04 -10.56 -4.48
N VAL A 153 -12.85 -9.55 -4.16
CA VAL A 153 -13.28 -8.55 -5.14
C VAL A 153 -13.08 -7.18 -4.50
N ILE A 154 -12.30 -6.32 -5.18
CA ILE A 154 -11.95 -5.01 -4.66
C ILE A 154 -12.93 -3.97 -5.21
N PHE A 155 -13.57 -3.20 -4.31
CA PHE A 155 -14.30 -1.98 -4.66
C PHE A 155 -13.43 -0.81 -4.23
N ARG A 156 -12.79 -0.16 -5.22
CA ARG A 156 -11.90 0.97 -5.01
C ARG A 156 -12.62 2.25 -5.39
N GLU A 157 -12.71 3.19 -4.44
CA GLU A 157 -13.37 4.46 -4.72
C GLU A 157 -12.56 5.20 -5.78
N ASN A 158 -13.26 5.77 -6.77
CA ASN A 158 -12.64 6.13 -8.03
C ASN A 158 -12.79 7.60 -8.39
N SER A 159 -13.36 8.45 -7.49
CA SER A 159 -13.63 9.84 -7.83
C SER A 159 -13.02 10.87 -6.89
N GLU A 160 -12.48 10.46 -5.74
CA GLU A 160 -11.88 11.45 -4.84
C GLU A 160 -10.60 10.89 -4.21
N ASP A 161 -10.32 11.25 -2.95
CA ASP A 161 -9.05 10.94 -2.27
C ASP A 161 -7.94 11.77 -2.92
N ILE A 162 -6.68 11.50 -2.54
CA ILE A 162 -5.56 12.30 -3.03
C ILE A 162 -5.34 12.15 -4.53
N TYR A 163 -6.07 11.23 -5.19
CA TYR A 163 -6.10 11.17 -6.65
C TYR A 163 -6.77 12.37 -7.29
N ALA A 164 -7.44 13.22 -6.52
CA ALA A 164 -8.06 14.43 -7.08
C ALA A 164 -7.05 15.32 -7.79
N GLY A 165 -5.75 15.10 -7.60
CA GLY A 165 -4.74 15.86 -8.31
C GLY A 165 -4.55 17.28 -7.81
N ILE A 166 -4.78 17.53 -6.54
CA ILE A 166 -4.70 18.87 -5.97
C ILE A 166 -3.35 19.01 -5.28
N GLU A 167 -2.43 19.76 -5.87
CA GLU A 167 -1.09 19.88 -5.30
C GLU A 167 -0.34 21.04 -5.96
N TRP A 168 0.67 21.54 -5.25
CA TRP A 168 1.52 22.62 -5.74
C TRP A 168 2.97 22.28 -5.47
N GLN A 169 3.84 22.69 -6.41
CA GLN A 169 5.24 22.29 -6.40
C GLN A 169 6.05 23.19 -5.49
N ALA A 170 7.04 22.58 -4.84
CA ALA A 170 7.91 23.29 -3.92
C ALA A 170 8.46 24.57 -4.53
N ASP A 171 8.44 25.64 -3.74
CA ASP A 171 9.01 26.96 -4.01
C ASP A 171 8.22 27.76 -5.04
N THR A 172 7.14 27.23 -5.61
CA THR A 172 6.33 28.04 -6.50
C THR A 172 5.57 29.10 -5.71
N PRO A 173 5.19 30.21 -6.35
CA PRO A 173 4.33 31.18 -5.65
C PRO A 173 3.06 30.55 -5.10
N GLU A 174 2.49 29.56 -5.79
CA GLU A 174 1.24 28.95 -5.34
C GLU A 174 1.45 28.12 -4.08
N ALA A 175 2.54 27.34 -4.03
CA ALA A 175 2.81 26.57 -2.82
C ALA A 175 3.12 27.48 -1.65
N LYS A 176 3.86 28.57 -1.89
CA LYS A 176 4.12 29.53 -0.83
C LYS A 176 2.83 30.16 -0.34
N LYS A 177 1.88 30.43 -1.25
CA LYS A 177 0.60 30.99 -0.84
C LYS A 177 -0.19 30.01 0.02
N VAL A 178 -0.19 28.73 -0.35
CA VAL A 178 -0.92 27.73 0.44
C VAL A 178 -0.27 27.54 1.80
N ILE A 179 1.05 27.48 1.85
CA ILE A 179 1.75 27.29 3.13
C ILE A 179 1.52 28.49 4.05
N GLN A 180 1.50 29.70 3.49
CA GLN A 180 1.23 30.88 4.31
C GLN A 180 -0.18 30.84 4.86
N PHE A 181 -1.15 30.43 4.04
CA PHE A 181 -2.52 30.27 4.53
C PHE A 181 -2.57 29.22 5.64
N LEU A 182 -1.89 28.09 5.44
CA LEU A 182 -1.93 27.02 6.43
C LEU A 182 -1.30 27.46 7.75
N THR A 183 -0.15 28.12 7.68
CA THR A 183 0.56 28.45 8.92
C THR A 183 -0.03 29.68 9.60
N LYS A 184 -0.46 30.66 8.83
CA LYS A 184 -0.87 31.93 9.42
C LYS A 184 -2.37 32.04 9.67
N GLU A 185 -3.20 31.49 8.76
CA GLU A 185 -4.63 31.58 8.92
C GLU A 185 -5.24 30.37 9.61
N MET A 186 -4.67 29.18 9.39
CA MET A 186 -5.18 27.96 10.02
C MET A 186 -4.39 27.55 11.26
N GLY A 187 -3.31 28.25 11.57
CA GLY A 187 -2.52 27.92 12.75
C GLY A 187 -1.86 26.56 12.70
N VAL A 188 -1.51 26.08 11.51
CA VAL A 188 -0.87 24.77 11.39
C VAL A 188 0.57 24.87 11.86
N LYS A 189 0.93 24.05 12.84
CA LYS A 189 2.26 24.06 13.43
C LYS A 189 3.10 22.85 13.06
N LYS A 190 2.53 21.89 12.31
CA LYS A 190 3.10 20.55 12.19
C LYS A 190 3.86 20.32 10.89
N ILE A 191 4.02 21.35 10.05
CA ILE A 191 4.87 21.23 8.86
C ILE A 191 6.32 21.33 9.32
N ARG A 192 7.05 20.21 9.22
CA ARG A 192 8.41 20.17 9.76
C ARG A 192 9.35 21.09 8.98
N PHE A 193 9.25 21.07 7.65
CA PHE A 193 10.10 21.88 6.78
C PHE A 193 9.21 22.66 5.82
N PRO A 194 8.85 23.89 6.17
CA PRO A 194 7.97 24.67 5.28
C PRO A 194 8.66 25.32 4.10
N GLU A 195 9.99 25.42 4.09
CA GLU A 195 10.70 25.86 2.89
C GLU A 195 10.94 24.66 1.96
N HIS A 196 10.95 24.94 0.65
CA HIS A 196 11.21 23.92 -0.36
C HIS A 196 10.31 22.70 -0.14
N CYS A 197 9.00 22.96 -0.08
CA CYS A 197 8.04 22.00 0.41
C CYS A 197 6.90 21.85 -0.59
N GLY A 198 6.74 20.66 -1.16
CA GLY A 198 5.54 20.36 -1.94
C GLY A 198 4.35 20.07 -1.04
N ILE A 199 3.16 20.37 -1.54
CA ILE A 199 1.92 20.29 -0.75
C ILE A 199 0.83 19.63 -1.59
N GLY A 200 0.22 18.58 -1.04
CA GLY A 200 -0.89 17.91 -1.71
C GLY A 200 -2.11 17.91 -0.81
N VAL A 201 -3.32 17.79 -1.38
CA VAL A 201 -4.55 17.85 -0.60
C VAL A 201 -5.38 16.59 -0.85
N LYS A 202 -5.96 16.06 0.23
CA LYS A 202 -6.71 14.80 0.22
C LYS A 202 -8.16 15.02 0.64
N PRO A 203 -9.11 15.07 -0.31
CA PRO A 203 -10.53 15.20 0.05
C PRO A 203 -11.25 13.86 0.08
N VAL A 204 -12.02 13.62 1.14
CA VAL A 204 -12.81 12.39 1.26
C VAL A 204 -14.16 12.80 1.84
N SER A 205 -15.25 12.39 1.17
CA SER A 205 -16.56 12.96 1.48
C SER A 205 -17.59 11.89 1.84
N ARG A 206 -18.67 12.37 2.48
CA ARG A 206 -19.79 11.50 2.81
C ARG A 206 -20.46 10.95 1.55
N GLU A 207 -20.76 11.81 0.56
CA GLU A 207 -21.43 11.32 -0.63
CA GLU A 207 -21.42 11.35 -0.65
C GLU A 207 -20.55 10.36 -1.42
N GLY A 208 -19.26 10.68 -1.55
CA GLY A 208 -18.36 9.79 -2.28
C GLY A 208 -18.21 8.43 -1.61
N THR A 209 -18.00 8.43 -0.29
CA THR A 209 -17.90 7.17 0.42
C THR A 209 -19.20 6.38 0.32
N THR A 210 -20.33 7.05 0.48
CA THR A 210 -21.63 6.39 0.54
C THR A 210 -21.91 5.61 -0.74
N ARG A 211 -21.68 6.22 -1.89
CA ARG A 211 -22.06 5.52 -3.12
C ARG A 211 -21.11 4.36 -3.41
N LEU A 212 -19.84 4.47 -3.02
CA LEU A 212 -18.91 3.37 -3.24
C LEU A 212 -19.23 2.19 -2.33
N VAL A 213 -19.46 2.46 -1.04
CA VAL A 213 -19.71 1.36 -0.12
C VAL A 213 -21.06 0.72 -0.41
N LYS A 214 -22.06 1.53 -0.79
CA LYS A 214 -23.34 0.96 -1.18
C LYS A 214 -23.18 -0.03 -2.34
N ALA A 215 -22.39 0.35 -3.34
CA ALA A 215 -22.16 -0.58 -4.46
C ALA A 215 -21.47 -1.86 -3.99
N ALA A 216 -20.53 -1.74 -3.05
CA ALA A 216 -19.80 -2.92 -2.61
C ALA A 216 -20.71 -3.88 -1.84
N ILE A 217 -21.53 -3.33 -0.95
CA ILE A 217 -22.46 -4.17 -0.19
C ILE A 217 -23.46 -4.80 -1.14
N GLN A 218 -23.96 -4.06 -2.12
CA GLN A 218 -24.91 -4.65 -3.06
C GLN A 218 -24.28 -5.78 -3.86
N TYR A 219 -23.00 -5.62 -4.21
CA TYR A 219 -22.28 -6.68 -4.90
C TYR A 219 -22.22 -7.93 -4.03
N ALA A 220 -21.88 -7.75 -2.75
CA ALA A 220 -21.87 -8.90 -1.84
C ALA A 220 -23.23 -9.59 -1.80
N ILE A 221 -24.31 -8.80 -1.80
CA ILE A 221 -25.65 -9.39 -1.83
C ILE A 221 -25.86 -10.17 -3.11
N ASP A 222 -25.52 -9.56 -4.25
CA ASP A 222 -25.85 -10.14 -5.54
C ASP A 222 -24.99 -11.34 -5.88
N ASN A 223 -23.88 -11.54 -5.18
CA ASN A 223 -22.93 -12.59 -5.49
C ASN A 223 -22.73 -13.54 -4.32
N ASP A 224 -23.60 -13.47 -3.33
CA ASP A 224 -23.62 -14.41 -2.20
C ASP A 224 -22.29 -14.41 -1.45
N ARG A 225 -21.71 -13.23 -1.26
CA ARG A 225 -20.47 -13.12 -0.51
C ARG A 225 -20.78 -12.72 0.93
N SER A 226 -19.97 -13.22 1.86
CA SER A 226 -20.33 -13.18 3.27
C SER A 226 -19.74 -11.99 4.02
N THR A 227 -18.73 -11.33 3.46
CA THR A 227 -18.02 -10.31 4.20
C THR A 227 -17.73 -9.11 3.31
N VAL A 228 -17.88 -7.91 3.87
CA VAL A 228 -17.41 -6.67 3.28
C VAL A 228 -16.47 -6.01 4.28
N THR A 229 -15.22 -5.76 3.88
CA THR A 229 -14.20 -5.22 4.76
C THR A 229 -13.82 -3.81 4.32
N LEU A 230 -14.01 -2.85 5.22
CA LEU A 230 -13.57 -1.47 4.99
C LEU A 230 -12.10 -1.33 5.37
N VAL A 231 -11.26 -0.94 4.42
CA VAL A 231 -9.82 -0.82 4.65
C VAL A 231 -9.42 0.65 4.64
N HIS A 232 -8.69 1.08 5.68
CA HIS A 232 -8.52 2.50 5.94
C HIS A 232 -7.30 2.70 6.84
N LYS A 233 -6.71 3.89 6.79
CA LYS A 233 -5.70 4.25 7.78
C LYS A 233 -6.26 5.33 8.70
N GLY A 234 -7.36 5.02 9.38
CA GLY A 234 -8.15 6.03 10.08
C GLY A 234 -7.62 6.45 11.44
N ASN A 235 -6.56 5.82 11.93
CA ASN A 235 -5.98 6.29 13.18
C ASN A 235 -5.07 7.49 12.95
N ILE A 236 -4.38 7.51 11.81
CA ILE A 236 -3.47 8.61 11.47
C ILE A 236 -4.20 9.69 10.67
N MET A 237 -5.03 9.27 9.72
CA MET A 237 -5.85 10.15 8.90
C MET A 237 -7.30 10.04 9.39
N LYS A 238 -7.59 10.72 10.51
CA LYS A 238 -8.86 10.51 11.20
C LYS A 238 -10.05 11.01 10.41
N PHE A 239 -9.90 12.14 9.72
CA PHE A 239 -11.05 12.84 9.15
C PHE A 239 -11.23 12.56 7.67
N THR A 240 -10.35 11.77 7.08
CA THR A 240 -10.51 11.29 5.71
C THR A 240 -10.68 9.77 5.73
N GLU A 241 -9.61 9.02 6.00
CA GLU A 241 -9.73 7.56 6.02
C GLU A 241 -10.58 7.08 7.19
N GLY A 242 -10.46 7.73 8.35
CA GLY A 242 -11.33 7.37 9.46
C GLY A 242 -12.78 7.70 9.19
N ALA A 243 -13.04 8.84 8.54
CA ALA A 243 -14.41 9.18 8.20
C ALA A 243 -14.97 8.21 7.15
N PHE A 244 -14.13 7.77 6.21
CA PHE A 244 -14.55 6.75 5.25
C PHE A 244 -15.09 5.53 5.98
N LYS A 245 -14.37 5.05 7.00
CA LYS A 245 -14.82 3.89 7.74
C LYS A 245 -16.17 4.14 8.41
N ASP A 246 -16.29 5.28 9.10
CA ASP A 246 -17.54 5.59 9.80
C ASP A 246 -18.70 5.73 8.83
N TRP A 247 -18.48 6.45 7.71
CA TRP A 247 -19.56 6.61 6.74
C TRP A 247 -19.93 5.27 6.09
N GLY A 248 -18.94 4.39 5.91
CA GLY A 248 -19.22 3.09 5.35
C GLY A 248 -20.09 2.23 6.26
N TYR A 249 -19.79 2.21 7.57
CA TYR A 249 -20.67 1.52 8.50
C TYR A 249 -22.07 2.13 8.49
N GLN A 250 -22.16 3.46 8.33
CA GLN A 250 -23.48 4.09 8.29
C GLN A 250 -24.29 3.63 7.08
N VAL A 251 -23.63 3.40 5.94
CA VAL A 251 -24.32 2.87 4.77
C VAL A 251 -24.95 1.51 5.09
N ALA A 252 -24.22 0.66 5.82
CA ALA A 252 -24.76 -0.64 6.16
C ALA A 252 -26.02 -0.49 7.01
N ARG A 253 -25.98 0.42 7.99
CA ARG A 253 -27.13 0.64 8.85
CA ARG A 253 -27.14 0.63 8.85
C ARG A 253 -28.28 1.31 8.09
N ASP A 254 -27.97 2.32 7.28
CA ASP A 254 -29.00 3.17 6.67
C ASP A 254 -29.71 2.50 5.51
N SER A 255 -28.98 1.74 4.70
CA SER A 255 -29.50 1.25 3.42
C SER A 255 -29.68 -0.25 3.38
N PHE A 256 -29.14 -0.99 4.36
CA PHE A 256 -29.29 -2.44 4.36
C PHE A 256 -29.78 -2.99 5.71
N GLY A 257 -30.17 -2.12 6.63
CA GLY A 257 -30.75 -2.58 7.88
C GLY A 257 -29.75 -3.27 8.80
N ALA A 258 -28.47 -2.96 8.66
CA ALA A 258 -27.46 -3.61 9.49
C ALA A 258 -27.56 -3.17 10.95
N LYS A 259 -27.16 -4.07 11.84
CA LYS A 259 -27.08 -3.78 13.27
C LYS A 259 -25.70 -4.19 13.78
N GLU A 260 -25.33 -3.61 14.92
CA GLU A 260 -24.08 -3.99 15.59
C GLU A 260 -23.98 -5.50 15.73
N TYR A 261 -22.80 -6.02 15.42
CA TYR A 261 -22.49 -7.44 15.54
C TYR A 261 -21.62 -7.66 16.78
N GLN A 262 -22.14 -8.44 17.72
CA GLN A 262 -21.39 -8.85 18.92
C GLN A 262 -20.68 -7.68 19.58
N GLY A 263 -21.45 -6.61 19.82
CA GLY A 263 -20.93 -5.46 20.53
C GLY A 263 -20.24 -4.43 19.66
N GLY A 264 -20.07 -4.68 18.36
CA GLY A 264 -19.42 -3.72 17.50
C GLY A 264 -17.91 -3.81 17.62
N PRO A 265 -17.19 -3.07 16.77
CA PRO A 265 -17.76 -2.12 15.80
C PRO A 265 -18.23 -2.76 14.50
N TRP A 266 -18.03 -4.07 14.34
CA TRP A 266 -18.52 -4.69 13.11
C TRP A 266 -20.04 -4.64 13.09
N MET A 267 -20.60 -4.77 11.89
CA MET A 267 -22.04 -4.74 11.66
CA MET A 267 -22.04 -4.78 11.72
C MET A 267 -22.44 -6.01 10.92
N GLU A 268 -23.74 -6.29 10.93
CA GLU A 268 -24.28 -7.49 10.28
C GLU A 268 -25.69 -7.22 9.78
N PHE A 269 -26.01 -7.83 8.65
CA PHE A 269 -27.41 -7.90 8.21
C PHE A 269 -27.58 -9.18 7.42
N LYS A 270 -28.83 -9.54 7.15
CA LYS A 270 -29.14 -10.79 6.46
C LYS A 270 -29.38 -10.50 4.98
N ASN A 271 -28.67 -11.23 4.12
CA ASN A 271 -28.83 -11.09 2.68
C ASN A 271 -30.31 -11.14 2.31
N PRO A 272 -30.88 -10.08 1.72
CA PRO A 272 -32.33 -10.06 1.50
C PRO A 272 -32.81 -11.09 0.49
N LYS A 273 -31.90 -11.70 -0.28
CA LYS A 273 -32.30 -12.71 -1.25
C LYS A 273 -32.09 -14.14 -0.75
N THR A 274 -31.16 -14.36 0.18
CA THR A 274 -30.85 -15.69 0.67
C THR A 274 -30.99 -15.85 2.18
N GLY A 275 -31.04 -14.76 2.95
CA GLY A 275 -31.12 -14.85 4.39
C GLY A 275 -29.81 -15.14 5.09
N LYS A 276 -28.73 -15.34 4.34
CA LYS A 276 -27.42 -15.61 4.92
C LYS A 276 -26.80 -14.32 5.46
N GLN A 277 -26.12 -14.44 6.59
CA GLN A 277 -25.55 -13.27 7.26
C GLN A 277 -24.36 -12.71 6.49
N ILE A 278 -24.37 -11.40 6.27
CA ILE A 278 -23.23 -10.65 5.74
C ILE A 278 -22.67 -9.81 6.87
N ILE A 279 -21.37 -9.88 7.08
CA ILE A 279 -20.69 -9.10 8.11
CA ILE A 279 -20.68 -9.11 8.11
C ILE A 279 -19.92 -7.98 7.43
N ILE A 280 -20.04 -6.77 7.98
CA ILE A 280 -19.24 -5.64 7.55
C ILE A 280 -18.24 -5.38 8.66
N ASN A 281 -16.95 -5.46 8.34
CA ASN A 281 -15.92 -5.18 9.33
C ASN A 281 -14.90 -4.23 8.74
N ASP A 282 -13.81 -3.97 9.46
CA ASP A 282 -12.83 -3.00 9.02
C ASP A 282 -11.46 -3.41 9.53
N VAL A 283 -10.43 -3.07 8.76
CA VAL A 283 -9.04 -3.41 9.07
C VAL A 283 -8.18 -2.20 8.71
N ILE A 284 -7.21 -1.89 9.58
CA ILE A 284 -6.30 -0.79 9.27
C ILE A 284 -5.36 -1.23 8.14
N ALA A 285 -5.04 -0.30 7.25
CA ALA A 285 -4.53 -0.67 5.93
C ALA A 285 -3.18 -1.39 6.02
N ASP A 286 -2.28 -0.94 6.88
CA ASP A 286 -0.98 -1.61 6.96
C ASP A 286 -1.16 -3.04 7.48
N ALA A 287 -1.91 -3.21 8.56
CA ALA A 287 -2.24 -4.55 9.02
C ALA A 287 -2.91 -5.38 7.94
N PHE A 288 -3.69 -4.74 7.06
CA PHE A 288 -4.42 -5.50 6.05
C PHE A 288 -3.48 -6.16 5.05
N LEU A 289 -2.39 -5.47 4.70
CA LEU A 289 -1.43 -6.05 3.77
C LEU A 289 -0.75 -7.30 4.33
N GLN A 290 -0.71 -7.46 5.66
CA GLN A 290 -0.28 -8.74 6.21
C GLN A 290 -1.41 -9.75 6.17
N GLN A 291 -2.63 -9.32 6.52
CA GLN A 291 -3.74 -10.25 6.67
C GLN A 291 -4.08 -10.93 5.35
N ILE A 292 -3.99 -10.20 4.23
CA ILE A 292 -4.30 -10.83 2.95
C ILE A 292 -3.31 -11.94 2.63
N LEU A 293 -2.09 -11.86 3.17
CA LEU A 293 -1.10 -12.90 2.94
C LEU A 293 -1.26 -14.05 3.93
N LEU A 294 -1.46 -13.73 5.21
CA LEU A 294 -1.47 -14.78 6.22
C LEU A 294 -2.84 -15.40 6.41
N ARG A 295 -3.91 -14.65 6.16
CA ARG A 295 -5.27 -15.16 6.36
C ARG A 295 -6.18 -14.75 5.20
N PRO A 296 -5.81 -15.02 3.94
CA PRO A 296 -6.69 -14.59 2.83
C PRO A 296 -8.08 -15.18 2.91
N GLU A 297 -8.22 -16.35 3.52
CA GLU A 297 -9.53 -16.99 3.63
C GLU A 297 -10.55 -16.14 4.38
N ASP A 298 -10.11 -15.18 5.18
CA ASP A 298 -11.05 -14.39 5.97
C ASP A 298 -11.65 -13.21 5.22
N TYR A 299 -11.28 -12.98 3.96
CA TYR A 299 -11.71 -11.77 3.26
C TYR A 299 -12.42 -12.13 1.97
N SER A 300 -13.40 -11.30 1.63
CA SER A 300 -14.20 -11.52 0.43
C SER A 300 -14.33 -10.23 -0.36
N VAL A 301 -15.30 -9.37 -0.04
CA VAL A 301 -15.44 -8.08 -0.72
C VAL A 301 -14.65 -7.04 0.07
N ILE A 302 -13.84 -6.26 -0.63
CA ILE A 302 -13.04 -5.19 -0.03
C ILE A 302 -13.64 -3.88 -0.50
N ALA A 303 -13.84 -2.94 0.44
CA ALA A 303 -14.28 -1.59 0.07
C ALA A 303 -13.26 -0.62 0.64
N THR A 304 -12.69 0.21 -0.22
CA THR A 304 -11.62 1.07 0.27
C THR A 304 -11.52 2.29 -0.62
N LEU A 305 -10.61 3.20 -0.23
CA LEU A 305 -10.42 4.48 -0.88
C LEU A 305 -9.59 4.31 -2.15
N ASN A 306 -9.40 5.43 -2.85
CA ASN A 306 -8.75 5.44 -4.16
C ASN A 306 -7.30 4.97 -4.06
N LEU A 307 -6.52 5.59 -3.17
CA LEU A 307 -5.12 5.23 -3.08
C LEU A 307 -4.95 3.82 -2.52
N ASN A 308 -5.62 3.52 -1.40
CA ASN A 308 -5.52 2.18 -0.82
C ASN A 308 -5.88 1.09 -1.81
N GLY A 309 -6.96 1.31 -2.59
CA GLY A 309 -7.39 0.31 -3.55
C GLY A 309 -6.37 0.07 -4.64
N ASP A 310 -5.69 1.14 -5.07
CA ASP A 310 -4.61 1.00 -6.05
C ASP A 310 -3.51 0.07 -5.53
N TYR A 311 -3.03 0.33 -4.31
CA TYR A 311 -1.96 -0.47 -3.74
C TYR A 311 -2.42 -1.91 -3.54
N ILE A 312 -3.60 -2.09 -2.95
CA ILE A 312 -4.11 -3.42 -2.63
C ILE A 312 -4.35 -4.25 -3.88
N SER A 313 -4.79 -3.60 -4.98
CA SER A 313 -5.02 -4.33 -6.22
C SER A 313 -3.75 -5.05 -6.69
N ASP A 314 -2.59 -4.39 -6.58
CA ASP A 314 -1.36 -5.02 -7.06
C ASP A 314 -0.84 -6.05 -6.06
N ALA A 315 -0.99 -5.78 -4.76
CA ALA A 315 -0.57 -6.74 -3.76
C ALA A 315 -1.34 -8.04 -3.89
N LEU A 316 -2.67 -7.95 -4.12
CA LEU A 316 -3.47 -9.15 -4.22
C LEU A 316 -3.25 -9.86 -5.54
N ALA A 317 -3.17 -9.10 -6.63
CA ALA A 317 -2.90 -9.71 -7.93
C ALA A 317 -1.64 -10.55 -7.89
N ALA A 318 -0.62 -10.09 -7.15
CA ALA A 318 0.62 -10.83 -7.07
C ALA A 318 0.40 -12.24 -6.51
N GLN A 319 -0.57 -12.40 -5.62
CA GLN A 319 -0.78 -13.74 -5.05
C GLN A 319 -1.33 -14.73 -6.07
N VAL A 320 -1.99 -14.25 -7.14
CA VAL A 320 -2.63 -15.15 -8.08
C VAL A 320 -1.96 -15.10 -9.45
N GLY A 321 -0.74 -14.59 -9.54
CA GLY A 321 0.01 -14.67 -10.78
C GLY A 321 0.57 -13.36 -11.29
N GLY A 322 0.17 -12.25 -10.68
CA GLY A 322 0.67 -10.93 -11.05
C GLY A 322 -0.34 -10.16 -11.88
N ILE A 323 0.03 -8.92 -12.21
CA ILE A 323 -0.92 -8.02 -12.84
C ILE A 323 -1.04 -8.31 -14.33
N GLY A 324 -0.39 -9.38 -14.78
CA GLY A 324 -0.65 -9.94 -16.10
C GLY A 324 -1.92 -10.77 -16.22
N ILE A 325 -2.62 -11.01 -15.11
CA ILE A 325 -3.87 -11.78 -15.13
C ILE A 325 -4.81 -11.13 -14.11
N ALA A 326 -4.95 -9.82 -14.23
CA ALA A 326 -5.69 -9.02 -13.26
C ALA A 326 -6.58 -8.04 -13.98
N PRO A 327 -7.87 -8.35 -14.15
CA PRO A 327 -8.78 -7.48 -14.90
C PRO A 327 -9.46 -6.42 -14.02
N GLY A 328 -10.14 -5.48 -14.68
CA GLY A 328 -10.86 -4.46 -13.94
C GLY A 328 -11.89 -3.73 -14.75
N ALA A 329 -12.71 -2.96 -14.05
CA ALA A 329 -13.78 -2.18 -14.66
C ALA A 329 -13.95 -0.87 -13.90
N ASN A 330 -14.22 0.20 -14.64
CA ASN A 330 -14.58 1.51 -14.08
C ASN A 330 -16.06 1.72 -14.37
N ILE A 331 -16.90 1.77 -13.33
CA ILE A 331 -18.34 1.61 -13.50
C ILE A 331 -19.10 2.77 -12.85
N SER A 332 -20.16 3.22 -13.53
CA SER A 332 -21.23 4.01 -12.91
C SER A 332 -22.55 3.47 -13.44
N ASP A 333 -23.24 2.68 -12.61
CA ASP A 333 -24.48 1.99 -12.99
C ASP A 333 -24.23 1.16 -14.24
N GLN A 334 -24.83 1.52 -15.38
CA GLN A 334 -24.63 0.72 -16.58
C GLN A 334 -23.47 1.22 -17.46
N MET A 335 -23.01 2.46 -17.26
CA MET A 335 -21.87 2.96 -18.03
C MET A 335 -20.58 2.37 -17.49
N ALA A 336 -19.68 1.95 -18.39
CA ALA A 336 -18.52 1.21 -17.89
C ALA A 336 -17.39 1.29 -18.90
N VAL A 337 -16.17 1.41 -18.39
CA VAL A 337 -14.95 1.37 -19.19
C VAL A 337 -14.10 0.26 -18.58
N PHE A 338 -13.90 -0.80 -19.35
CA PHE A 338 -13.18 -1.96 -18.84
C PHE A 338 -11.68 -1.74 -19.09
N GLU A 339 -10.85 -2.24 -18.16
CA GLU A 339 -9.47 -1.77 -18.09
C GLU A 339 -8.64 -2.72 -17.25
N ALA A 340 -7.46 -3.11 -17.75
CA ALA A 340 -6.57 -3.95 -16.97
C ALA A 340 -6.02 -3.17 -15.78
N THR A 341 -5.58 -3.91 -14.76
CA THR A 341 -4.94 -3.29 -13.62
C THR A 341 -3.58 -2.69 -13.96
N HIS A 342 -2.84 -3.29 -14.89
CA HIS A 342 -1.47 -2.89 -15.13
C HIS A 342 -1.37 -1.57 -15.92
N GLY A 343 -0.17 -1.03 -15.94
CA GLY A 343 0.16 0.16 -16.71
C GLY A 343 0.76 -0.18 -18.08
N THR A 344 1.57 0.74 -18.59
CA THR A 344 2.05 0.70 -19.95
C THR A 344 3.37 -0.05 -20.11
N ALA A 345 3.95 -0.53 -19.01
CA ALA A 345 5.21 -1.27 -18.96
C ALA A 345 6.15 -0.86 -20.09
N PRO A 346 6.61 0.39 -20.11
CA PRO A 346 7.29 0.89 -21.32
C PRO A 346 8.55 0.14 -21.70
N LYS A 347 9.24 -0.50 -20.73
CA LYS A 347 10.44 -1.24 -21.08
C LYS A 347 10.17 -2.46 -21.96
N TYR A 348 8.91 -2.90 -22.08
CA TYR A 348 8.55 -4.03 -22.92
C TYR A 348 7.75 -3.62 -24.15
N ALA A 349 7.47 -2.34 -24.32
CA ALA A 349 6.49 -1.91 -25.33
C ALA A 349 6.92 -2.29 -26.75
N GLY A 350 5.98 -2.91 -27.49
CA GLY A 350 6.20 -3.28 -28.87
C GLY A 350 6.97 -4.57 -29.07
N GLN A 351 7.33 -5.27 -27.99
CA GLN A 351 8.09 -6.51 -28.11
C GLN A 351 7.21 -7.74 -28.22
N ASN A 352 5.88 -7.60 -28.12
CA ASN A 352 4.97 -8.75 -28.22
C ASN A 352 5.31 -9.75 -27.11
N LYS A 353 5.69 -9.22 -25.95
CA LYS A 353 6.19 -10.01 -24.84
C LYS A 353 5.17 -10.20 -23.70
N VAL A 354 4.44 -9.16 -23.30
CA VAL A 354 3.68 -9.18 -22.05
C VAL A 354 2.41 -10.02 -22.13
N ASN A 355 1.81 -10.29 -20.97
CA ASN A 355 0.60 -11.10 -20.85
C ASN A 355 -0.62 -10.30 -21.26
N PRO A 356 -1.38 -10.71 -22.28
CA PRO A 356 -2.62 -10.03 -22.60
C PRO A 356 -3.77 -10.48 -21.71
N GLY A 357 -3.48 -11.36 -20.75
CA GLY A 357 -4.54 -11.92 -19.92
C GLY A 357 -5.37 -10.88 -19.19
N SER A 358 -4.74 -9.83 -18.64
CA SER A 358 -5.49 -8.85 -17.86
C SER A 358 -6.54 -8.15 -18.69
N ILE A 359 -6.15 -7.66 -19.87
CA ILE A 359 -7.11 -6.92 -20.69
C ILE A 359 -8.11 -7.89 -21.31
N ILE A 360 -7.70 -9.12 -21.62
CA ILE A 360 -8.63 -10.13 -22.13
C ILE A 360 -9.70 -10.45 -21.08
N LEU A 361 -9.29 -10.60 -19.80
CA LEU A 361 -10.28 -10.86 -18.77
C LEU A 361 -11.11 -9.62 -18.46
N SER A 362 -10.61 -8.43 -18.79
CA SER A 362 -11.45 -7.24 -18.68
C SER A 362 -12.52 -7.27 -19.76
N ALA A 363 -12.18 -7.78 -20.95
CA ALA A 363 -13.17 -7.97 -21.99
C ALA A 363 -14.17 -9.04 -21.62
N GLU A 364 -13.72 -10.07 -20.91
CA GLU A 364 -14.64 -11.08 -20.37
C GLU A 364 -15.65 -10.43 -19.44
N MET A 365 -15.17 -9.54 -18.55
CA MET A 365 -16.10 -8.76 -17.72
C MET A 365 -17.04 -7.92 -18.58
N MET A 366 -16.52 -7.32 -19.65
CA MET A 366 -17.35 -6.52 -20.56
C MET A 366 -18.46 -7.35 -21.17
N LEU A 367 -18.11 -8.55 -21.67
CA LEU A 367 -19.12 -9.41 -22.25
C LEU A 367 -20.21 -9.77 -21.24
N ARG A 368 -19.84 -10.08 -19.98
CA ARG A 368 -20.86 -10.37 -18.98
C ARG A 368 -21.72 -9.14 -18.69
N HIS A 369 -21.11 -7.96 -18.68
CA HIS A 369 -21.87 -6.72 -18.52
C HIS A 369 -22.92 -6.56 -19.61
N MET A 370 -22.61 -7.02 -20.82
CA MET A 370 -23.50 -6.99 -21.98
C MET A 370 -24.51 -8.14 -21.99
N GLY A 371 -24.40 -9.07 -21.06
CA GLY A 371 -25.29 -10.23 -21.07
C GLY A 371 -24.90 -11.32 -22.02
N TRP A 372 -23.71 -11.23 -22.62
CA TRP A 372 -23.25 -12.21 -23.60
C TRP A 372 -22.45 -13.30 -22.88
N TYR A 373 -23.17 -14.06 -22.04
CA TYR A 373 -22.49 -14.97 -21.11
C TYR A 373 -21.85 -16.13 -21.85
N GLU A 374 -22.44 -16.56 -22.97
CA GLU A 374 -21.87 -17.68 -23.69
C GLU A 374 -20.49 -17.34 -24.23
N ALA A 375 -20.33 -16.13 -24.79
CA ALA A 375 -19.02 -15.73 -25.28
C ALA A 375 -18.03 -15.53 -24.15
N ALA A 376 -18.49 -14.95 -23.03
CA ALA A 376 -17.62 -14.79 -21.87
C ALA A 376 -17.11 -16.14 -21.37
N ASP A 377 -17.98 -17.15 -21.34
CA ASP A 377 -17.59 -18.47 -20.89
C ASP A 377 -16.51 -19.08 -21.80
N LEU A 378 -16.56 -18.80 -23.11
CA LEU A 378 -15.52 -19.33 -24.00
C LEU A 378 -14.18 -18.65 -23.75
N ILE A 379 -14.18 -17.39 -23.33
CA ILE A 379 -12.91 -16.76 -22.99
C ILE A 379 -12.28 -17.46 -21.80
N ILE A 380 -13.09 -17.78 -20.80
CA ILE A 380 -12.56 -18.51 -19.64
C ILE A 380 -12.08 -19.89 -20.04
N ARG A 381 -12.84 -20.59 -20.88
CA ARG A 381 -12.44 -21.91 -21.36
C ARG A 381 -11.11 -21.84 -22.09
N GLY A 382 -10.96 -20.85 -22.96
CA GLY A 382 -9.70 -20.73 -23.70
C GLY A 382 -8.54 -20.40 -22.77
N MET A 383 -8.78 -19.53 -21.79
CA MET A 383 -7.73 -19.18 -20.84
C MET A 383 -7.27 -20.41 -20.08
N GLU A 384 -8.22 -21.15 -19.50
CA GLU A 384 -7.88 -22.37 -18.76
C GLU A 384 -7.16 -23.38 -19.64
N GLY A 385 -7.60 -23.54 -20.88
CA GLY A 385 -6.96 -24.52 -21.76
C GLY A 385 -5.54 -24.12 -22.11
N ALA A 386 -5.30 -22.82 -22.34
CA ALA A 386 -3.95 -22.39 -22.70
C ALA A 386 -3.00 -22.53 -21.52
N ILE A 387 -3.47 -22.22 -20.31
CA ILE A 387 -2.64 -22.39 -19.11
C ILE A 387 -2.35 -23.87 -18.88
N GLU A 388 -3.36 -24.73 -19.08
CA GLU A 388 -3.17 -26.15 -18.88
C GLU A 388 -2.18 -26.73 -19.90
N ALA A 389 -2.18 -26.20 -21.12
CA ALA A 389 -1.21 -26.61 -22.11
C ALA A 389 0.17 -26.02 -21.84
N LYS A 390 0.27 -25.11 -20.87
CA LYS A 390 1.52 -24.46 -20.45
C LYS A 390 2.16 -23.67 -21.58
N THR A 391 1.36 -23.17 -22.51
CA THR A 391 1.81 -22.27 -23.57
C THR A 391 1.49 -20.85 -23.10
N VAL A 392 2.49 -20.19 -22.50
CA VAL A 392 2.25 -18.99 -21.71
C VAL A 392 3.28 -17.90 -22.02
N THR A 393 2.95 -16.67 -21.62
CA THR A 393 3.88 -15.56 -21.75
C THR A 393 4.95 -15.60 -20.65
N TYR A 394 5.93 -14.71 -20.79
CA TYR A 394 7.17 -14.78 -20.02
C TYR A 394 6.94 -14.72 -18.52
N ASP A 395 5.91 -13.98 -18.08
CA ASP A 395 5.66 -13.83 -16.65
C ASP A 395 5.23 -15.15 -16.01
N PHE A 396 4.46 -15.96 -16.73
CA PHE A 396 4.11 -17.30 -16.25
C PHE A 396 5.22 -18.30 -16.56
N GLU A 397 5.87 -18.16 -17.72
CA GLU A 397 6.85 -19.15 -18.13
C GLU A 397 7.93 -19.33 -17.08
N ARG A 398 8.43 -18.22 -16.51
CA ARG A 398 9.53 -18.30 -15.57
C ARG A 398 9.16 -18.99 -14.27
N GLY A 399 7.89 -19.11 -13.94
CA GLY A 399 7.50 -19.78 -12.71
C GLY A 399 6.97 -21.19 -12.87
N MET A 400 6.71 -21.60 -14.11
CA MET A 400 6.10 -22.90 -14.37
C MET A 400 7.16 -23.94 -14.73
N GLN A 401 6.78 -25.20 -14.50
CA GLN A 401 7.64 -26.34 -14.76
C GLN A 401 7.31 -26.90 -16.14
N GLY A 402 8.30 -26.91 -17.03
CA GLY A 402 8.11 -27.52 -18.33
C GLY A 402 7.23 -26.73 -19.28
N ALA A 403 7.24 -25.41 -19.19
CA ALA A 403 6.35 -24.56 -19.97
C ALA A 403 7.00 -24.19 -21.30
N THR A 404 6.15 -23.72 -22.22
CA THR A 404 6.53 -23.26 -23.55
C THR A 404 6.22 -21.78 -23.67
N LEU A 405 7.24 -20.98 -24.01
CA LEU A 405 7.08 -19.53 -24.08
C LEU A 405 6.36 -19.14 -25.36
N VAL A 406 5.34 -18.27 -25.23
CA VAL A 406 4.65 -17.70 -26.39
C VAL A 406 4.64 -16.18 -26.27
N SER A 407 4.44 -15.52 -27.41
CA SER A 407 4.34 -14.07 -27.47
C SER A 407 2.96 -13.65 -27.00
N SER A 408 2.73 -12.34 -26.92
CA SER A 408 1.39 -11.85 -26.55
C SER A 408 0.34 -12.34 -27.56
N SER A 409 0.64 -12.19 -28.85
CA SER A 409 -0.26 -12.66 -29.89
CA SER A 409 -0.25 -12.66 -29.89
C SER A 409 -0.32 -14.19 -29.88
N GLY A 410 0.81 -14.85 -29.60
CA GLY A 410 0.82 -16.30 -29.48
C GLY A 410 -0.07 -16.82 -28.36
N PHE A 411 -0.18 -16.06 -27.26
CA PHE A 411 -1.06 -16.52 -26.19
C PHE A 411 -2.52 -16.37 -26.58
N ALA A 412 -2.86 -15.30 -27.30
CA ALA A 412 -4.20 -15.18 -27.84
C ALA A 412 -4.52 -16.35 -28.76
N ASP A 413 -3.56 -16.72 -29.62
CA ASP A 413 -3.74 -17.86 -30.50
C ASP A 413 -4.05 -19.12 -29.70
N ALA A 414 -3.37 -19.31 -28.57
CA ALA A 414 -3.55 -20.52 -27.78
C ALA A 414 -4.91 -20.51 -27.11
N MET A 415 -5.37 -19.34 -26.67
CA MET A 415 -6.71 -19.25 -26.09
C MET A 415 -7.77 -19.63 -27.11
N ILE A 416 -7.68 -19.08 -28.32
CA ILE A 416 -8.67 -19.35 -29.35
C ILE A 416 -8.70 -20.84 -29.67
N LYS A 417 -7.52 -21.47 -29.74
CA LYS A 417 -7.40 -22.89 -30.03
C LYS A 417 -8.15 -23.74 -29.00
N HIS A 418 -8.19 -23.29 -27.74
CA HIS A 418 -8.82 -24.08 -26.69
C HIS A 418 -10.27 -23.72 -26.41
N MET A 419 -10.86 -22.82 -27.19
CA MET A 419 -12.28 -22.51 -27.05
C MET A 419 -13.15 -23.65 -27.57
N MET B 2 15.25 14.12 43.99
CA MET B 2 14.70 13.60 42.75
C MET B 2 14.76 14.64 41.64
N THR B 3 15.01 14.16 40.42
CA THR B 3 15.05 15.02 39.24
C THR B 3 13.67 15.20 38.61
N TYR B 4 12.84 14.15 38.65
CA TYR B 4 11.55 14.13 37.97
C TYR B 4 10.42 14.00 38.97
N ASP B 5 9.18 14.15 38.47
CA ASP B 5 8.01 14.02 39.32
C ASP B 5 7.68 12.55 39.60
N LYS B 6 7.56 11.73 38.55
CA LYS B 6 7.19 10.33 38.70
C LYS B 6 8.26 9.35 38.27
N ILE B 7 9.24 9.78 37.47
CA ILE B 7 10.32 8.92 37.04
C ILE B 7 11.36 8.79 38.15
N LYS B 8 11.82 7.57 38.42
CA LYS B 8 12.84 7.33 39.42
C LYS B 8 14.16 7.01 38.72
N VAL B 9 15.17 7.84 38.93
CA VAL B 9 16.48 7.60 38.33
C VAL B 9 17.16 6.47 39.09
N PRO B 10 17.68 5.45 38.41
CA PRO B 10 18.28 4.31 39.11
C PRO B 10 19.47 4.72 39.96
N ALA B 11 19.54 4.14 41.15
CA ALA B 11 20.60 4.48 42.10
C ALA B 11 21.98 4.18 41.54
N GLN B 12 22.11 3.15 40.71
CA GLN B 12 23.36 2.82 40.04
C GLN B 12 23.15 2.93 38.55
N GLY B 13 24.04 3.64 37.88
CA GLY B 13 23.97 3.80 36.43
C GLY B 13 24.38 5.19 35.98
N GLU B 14 24.73 5.29 34.70
CA GLU B 14 25.16 6.54 34.11
C GLU B 14 24.52 6.71 32.74
N ALA B 15 24.55 7.94 32.23
CA ALA B 15 23.89 8.27 30.97
C ALA B 15 24.84 8.07 29.80
N ILE B 16 24.29 7.51 28.72
CA ILE B 16 24.97 7.56 27.42
C ILE B 16 25.09 9.01 26.97
N THR B 17 26.21 9.34 26.34
CA THR B 17 26.46 10.68 25.82
C THR B 17 26.80 10.59 24.34
N VAL B 18 26.47 11.65 23.61
CA VAL B 18 26.58 11.65 22.14
C VAL B 18 27.63 12.66 21.66
N SER B 23 30.14 10.28 17.66
CA SER B 23 30.51 9.07 18.40
C SER B 23 29.65 8.91 19.63
N LEU B 24 29.47 7.66 20.07
CA LEU B 24 28.62 7.33 21.20
C LEU B 24 29.47 6.81 22.35
N HIS B 25 29.31 7.42 23.52
CA HIS B 25 30.00 6.97 24.73
C HIS B 25 28.98 6.25 25.62
N VAL B 26 29.07 4.92 25.65
CA VAL B 26 28.14 4.09 26.40
C VAL B 26 28.87 3.58 27.65
N PRO B 27 28.46 3.97 28.84
CA PRO B 27 29.06 3.40 30.05
C PRO B 27 28.70 1.93 30.17
N ASP B 28 29.53 1.20 30.91
CA ASP B 28 29.24 -0.22 31.15
C ASP B 28 27.99 -0.42 31.99
N ASN B 29 27.51 0.64 32.68
CA ASN B 29 26.28 0.60 33.46
CA ASN B 29 26.27 0.59 33.45
C ASN B 29 25.33 1.69 32.95
N PRO B 30 24.85 1.57 31.72
CA PRO B 30 24.02 2.65 31.15
C PRO B 30 22.60 2.63 31.68
N ILE B 31 22.02 3.83 31.78
CA ILE B 31 20.61 3.99 32.08
C ILE B 31 19.84 3.95 30.76
N ILE B 32 18.89 3.01 30.67
CA ILE B 32 18.07 2.86 29.47
C ILE B 32 16.61 3.08 29.87
N PRO B 33 15.98 4.19 29.47
CA PRO B 33 14.55 4.34 29.74
C PRO B 33 13.71 3.44 28.84
N PHE B 34 12.58 2.97 29.39
CA PHE B 34 11.67 2.15 28.62
C PHE B 34 10.23 2.54 28.91
N ILE B 35 9.40 2.44 27.86
CA ILE B 35 7.95 2.62 27.95
C ILE B 35 7.33 1.25 27.82
N GLU B 36 6.54 0.86 28.81
CA GLU B 36 5.95 -0.48 28.79
C GLU B 36 5.07 -0.68 27.54
N GLY B 37 4.17 0.26 27.29
CA GLY B 37 3.31 0.20 26.12
C GLY B 37 1.87 -0.14 26.48
N ASP B 38 0.96 0.36 25.65
CA ASP B 38 -0.46 0.01 25.76
C ASP B 38 -0.68 -1.42 25.26
N GLY B 39 -1.87 -1.94 25.58
CA GLY B 39 -2.29 -3.21 24.99
C GLY B 39 -1.31 -4.34 25.30
N ILE B 40 -0.86 -5.02 24.23
CA ILE B 40 0.06 -6.14 24.40
C ILE B 40 1.43 -5.71 24.90
N GLY B 41 1.70 -4.41 25.00
CA GLY B 41 2.94 -3.96 25.63
C GLY B 41 3.15 -4.61 26.98
N VAL B 42 2.07 -4.86 27.72
CA VAL B 42 2.21 -5.53 29.02
C VAL B 42 2.69 -6.97 28.85
N ASP B 43 2.49 -7.56 27.67
CA ASP B 43 2.86 -8.94 27.44
C ASP B 43 4.29 -9.11 26.93
N VAL B 44 4.80 -8.16 26.16
CA VAL B 44 6.06 -8.34 25.46
C VAL B 44 7.19 -7.52 26.08
N THR B 45 6.90 -6.40 26.74
CA THR B 45 7.97 -5.63 27.36
C THR B 45 8.62 -6.38 28.50
N PRO B 46 7.89 -6.98 29.45
CA PRO B 46 8.57 -7.70 30.55
C PRO B 46 9.50 -8.79 30.03
N PRO B 47 9.07 -9.63 29.07
CA PRO B 47 10.01 -10.65 28.56
C PRO B 47 11.22 -10.07 27.87
N MET B 48 11.06 -8.97 27.13
CA MET B 48 12.20 -8.36 26.46
C MET B 48 13.28 -7.97 27.46
N ILE B 49 12.89 -7.34 28.57
CA ILE B 49 13.88 -6.92 29.56
C ILE B 49 14.62 -8.13 30.13
N ARG B 50 13.90 -9.23 30.36
CA ARG B 50 14.57 -10.43 30.87
C ARG B 50 15.55 -10.99 29.85
N VAL B 51 15.16 -11.03 28.57
CA VAL B 51 16.03 -11.56 27.53
C VAL B 51 17.28 -10.70 27.39
N VAL B 52 17.12 -9.38 27.45
CA VAL B 52 18.27 -8.49 27.33
C VAL B 52 19.21 -8.69 28.52
N ASP B 53 18.65 -8.73 29.73
CA ASP B 53 19.47 -8.93 30.92
C ASP B 53 20.24 -10.25 30.83
N ALA B 54 19.60 -11.29 30.30
CA ALA B 54 20.26 -12.59 30.18
C ALA B 54 21.38 -12.55 29.14
N ALA B 55 21.13 -11.92 28.00
CA ALA B 55 22.18 -11.78 27.00
C ALA B 55 23.37 -10.99 27.55
N VAL B 56 23.08 -9.88 28.22
CA VAL B 56 24.16 -9.05 28.78
C VAL B 56 24.91 -9.82 29.85
N GLN B 57 24.20 -10.58 30.70
CA GLN B 57 24.86 -11.31 31.77
C GLN B 57 25.66 -12.48 31.22
N LYS B 58 25.11 -13.19 30.22
CA LYS B 58 25.85 -14.31 29.64
C LYS B 58 27.07 -13.83 28.87
N ALA B 59 27.00 -12.65 28.26
CA ALA B 59 28.13 -12.16 27.46
C ALA B 59 29.18 -11.45 28.32
N TYR B 60 28.76 -10.75 29.38
CA TYR B 60 29.65 -9.85 30.09
C TYR B 60 29.81 -10.16 31.58
N GLY B 61 29.11 -11.16 32.11
CA GLY B 61 29.19 -11.41 33.55
C GLY B 61 28.53 -10.27 34.30
N ASN B 62 29.21 -9.79 35.34
CA ASN B 62 28.75 -8.63 36.10
C ASN B 62 29.43 -7.34 35.65
N LYS B 63 30.21 -7.38 34.56
CA LYS B 63 30.97 -6.22 34.13
C LYS B 63 30.11 -5.18 33.44
N ARG B 64 29.07 -5.62 32.72
CA ARG B 64 28.13 -4.71 32.10
C ARG B 64 26.73 -5.04 32.57
N LYS B 65 25.91 -4.00 32.71
CA LYS B 65 24.56 -4.13 33.21
C LYS B 65 23.76 -2.90 32.77
N ILE B 66 22.56 -3.12 32.25
CA ILE B 66 21.66 -2.03 31.93
C ILE B 66 20.87 -1.66 33.18
N SER B 67 20.78 -0.36 33.48
CA SER B 67 19.90 0.14 34.55
C SER B 67 18.61 0.62 33.89
N TRP B 68 17.59 -0.24 33.87
CA TRP B 68 16.32 0.11 33.26
C TRP B 68 15.62 1.18 34.07
N MET B 69 15.03 2.15 33.38
CA MET B 69 14.32 3.25 34.02
C MET B 69 12.97 3.44 33.34
N GLU B 70 11.90 3.12 34.04
CA GLU B 70 10.58 3.21 33.43
C GLU B 70 10.16 4.67 33.27
N VAL B 71 9.74 5.03 32.06
CA VAL B 71 9.05 6.27 31.79
C VAL B 71 7.69 5.93 31.18
N TYR B 72 6.80 6.91 31.12
CA TYR B 72 5.37 6.63 30.98
C TYR B 72 4.75 7.34 29.78
N ALA B 73 3.87 6.61 29.09
CA ALA B 73 3.08 7.15 28.00
C ALA B 73 1.80 6.34 27.87
N GLY B 74 0.78 6.96 27.26
CA GLY B 74 -0.46 6.25 27.03
C GLY B 74 -1.26 6.04 28.29
N GLU B 75 -1.94 4.89 28.37
CA GLU B 75 -2.87 4.64 29.48
C GLU B 75 -2.16 4.64 30.82
N LYS B 76 -1.00 3.98 30.91
CA LYS B 76 -0.28 3.90 32.18
C LYS B 76 0.19 5.28 32.63
N ALA B 77 0.49 6.18 31.70
CA ALA B 77 0.86 7.54 32.09
C ALA B 77 -0.30 8.26 32.74
N THR B 78 -1.51 8.10 32.20
CA THR B 78 -2.68 8.74 32.81
C THR B 78 -2.93 8.19 34.20
N LYS B 79 -2.62 6.90 34.43
CA LYS B 79 -2.79 6.34 35.77
C LYS B 79 -1.72 6.85 36.73
N VAL B 80 -0.49 7.01 36.25
CA VAL B 80 0.61 7.41 37.12
C VAL B 80 0.62 8.91 37.37
N TYR B 81 0.37 9.71 36.34
CA TYR B 81 0.46 11.17 36.44
C TYR B 81 -0.88 11.82 36.74
N GLY B 82 -1.92 11.46 36.00
CA GLY B 82 -3.21 12.11 36.13
C GLY B 82 -3.98 12.02 34.84
N GLY B 83 -5.26 12.39 34.94
CA GLY B 83 -6.15 12.22 33.80
C GLY B 83 -5.71 13.06 32.61
N ASP B 84 -5.85 12.47 31.42
CA ASP B 84 -5.54 13.09 30.14
C ASP B 84 -4.05 13.45 29.99
N GLN B 85 -3.19 12.97 30.88
CA GLN B 85 -1.74 13.14 30.72
C GLN B 85 -1.17 11.95 29.96
N TRP B 86 -1.45 11.93 28.65
CA TRP B 86 -1.06 10.79 27.83
C TRP B 86 0.44 10.74 27.58
N LEU B 87 1.11 11.88 27.56
CA LEU B 87 2.52 11.96 27.23
C LEU B 87 3.16 13.07 28.04
N PRO B 88 3.51 12.79 29.29
CA PRO B 88 4.14 13.81 30.14
C PRO B 88 5.40 14.38 29.49
N LYS B 89 5.60 15.69 29.68
CA LYS B 89 6.80 16.34 29.15
C LYS B 89 8.06 15.66 29.63
N GLU B 90 8.11 15.27 30.91
CA GLU B 90 9.33 14.69 31.46
C GLU B 90 9.64 13.31 30.88
N THR B 91 8.66 12.64 30.27
CA THR B 91 8.96 11.42 29.51
C THR B 91 9.88 11.76 28.33
N LEU B 92 9.52 12.78 27.56
CA LEU B 92 10.37 13.21 26.46
C LEU B 92 11.69 13.77 26.97
N ASP B 93 11.66 14.55 28.05
CA ASP B 93 12.91 15.03 28.64
C ASP B 93 13.86 13.89 28.94
N ALA B 94 13.35 12.82 29.57
CA ALA B 94 14.21 11.71 29.97
C ALA B 94 14.72 10.93 28.77
N MET B 95 13.86 10.69 27.76
CA MET B 95 14.32 9.98 26.58
C MET B 95 15.36 10.78 25.81
N LYS B 96 15.24 12.12 25.79
CA LYS B 96 16.26 12.95 25.18
C LYS B 96 17.56 12.91 25.99
N LYS B 97 17.45 13.04 27.30
CA LYS B 97 18.64 13.13 28.15
C LYS B 97 19.47 11.86 28.09
N TYR B 98 18.81 10.70 28.02
CA TYR B 98 19.51 9.43 28.14
C TYR B 98 19.78 8.77 26.79
N VAL B 99 19.37 9.41 25.69
CA VAL B 99 19.83 9.16 24.32
C VAL B 99 19.24 7.91 23.69
N VAL B 100 19.33 6.76 24.37
CA VAL B 100 18.89 5.47 23.82
C VAL B 100 17.75 4.94 24.69
N SER B 101 16.60 4.65 24.06
CA SER B 101 15.41 4.19 24.77
C SER B 101 14.72 3.11 23.95
N ILE B 102 13.79 2.39 24.60
CA ILE B 102 12.98 1.38 23.92
C ILE B 102 11.55 1.51 24.41
N LYS B 103 10.58 1.26 23.52
CA LYS B 103 9.18 1.41 23.87
C LYS B 103 8.34 0.27 23.31
N GLY B 104 7.33 -0.12 24.09
CA GLY B 104 6.24 -0.89 23.56
C GLY B 104 5.32 -0.03 22.69
N PRO B 105 4.27 -0.65 22.17
CA PRO B 105 3.31 0.10 21.34
C PRO B 105 2.37 0.96 22.16
N LEU B 106 1.77 1.95 21.49
CA LEU B 106 0.83 2.88 22.11
C LEU B 106 -0.42 2.98 21.25
N THR B 107 -1.58 3.03 21.90
CA THR B 107 -2.86 3.06 21.20
C THR B 107 -3.14 4.43 20.62
N THR B 108 -3.66 4.44 19.39
CA THR B 108 -4.11 5.65 18.70
C THR B 108 -5.54 5.37 18.25
N PRO B 109 -6.54 6.10 18.74
CA PRO B 109 -7.92 5.85 18.33
C PRO B 109 -8.15 6.21 16.87
N VAL B 110 -9.17 5.57 16.30
CA VAL B 110 -9.52 5.70 14.88
C VAL B 110 -10.63 6.72 14.74
N GLY B 111 -10.44 7.68 13.83
CA GLY B 111 -11.49 8.62 13.48
C GLY B 111 -11.70 9.76 14.44
N GLY B 112 -10.89 9.86 15.48
CA GLY B 112 -11.06 10.87 16.50
C GLY B 112 -10.14 10.56 17.67
N GLY B 113 -10.32 11.31 18.74
CA GLY B 113 -9.45 11.12 19.89
C GLY B 113 -8.07 11.69 19.66
N ILE B 114 -7.16 11.30 20.55
CA ILE B 114 -5.82 11.89 20.55
C ILE B 114 -5.07 11.55 19.28
N ARG B 115 -4.21 12.48 18.84
CA ARG B 115 -3.25 12.19 17.79
C ARG B 115 -2.24 11.17 18.30
N SER B 116 -1.68 10.40 17.36
CA SER B 116 -0.78 9.30 17.72
C SER B 116 0.34 9.76 18.63
N LEU B 117 0.48 9.08 19.77
CA LEU B 117 1.59 9.35 20.68
C LEU B 117 2.91 8.83 20.13
N ASN B 118 2.85 7.81 19.28
CA ASN B 118 4.05 7.32 18.62
C ASN B 118 4.59 8.35 17.64
N VAL B 119 3.70 8.94 16.84
CA VAL B 119 4.09 10.04 15.96
C VAL B 119 4.56 11.23 16.79
N ALA B 120 3.88 11.48 17.91
CA ALA B 120 4.27 12.62 18.75
C ALA B 120 5.69 12.46 19.26
N ILE B 121 6.08 11.24 19.64
CA ILE B 121 7.44 11.00 20.12
C ILE B 121 8.44 11.15 18.98
N ARG B 122 8.12 10.60 17.81
CA ARG B 122 9.01 10.71 16.65
C ARG B 122 9.21 12.16 16.27
N GLN B 123 8.13 12.94 16.21
CA GLN B 123 8.20 14.34 15.84
C GLN B 123 8.92 15.17 16.89
N ASP B 124 8.61 14.95 18.17
CA ASP B 124 9.17 15.79 19.22
C ASP B 124 10.68 15.61 19.32
N MET B 125 11.16 14.38 19.14
CA MET B 125 12.58 14.09 19.20
C MET B 125 13.24 14.13 17.82
N ASP B 126 12.48 14.46 16.77
CA ASP B 126 12.98 14.57 15.40
C ASP B 126 13.72 13.29 14.98
N LEU B 127 13.10 12.15 15.26
CA LEU B 127 13.68 10.84 14.91
C LEU B 127 13.28 10.51 13.49
N TYR B 128 13.98 11.13 12.54
CA TYR B 128 13.50 11.19 11.16
C TYR B 128 13.70 9.90 10.38
N VAL B 129 14.45 8.93 10.89
CA VAL B 129 14.59 7.63 10.27
C VAL B 129 13.78 6.62 11.07
N CYS B 130 12.85 5.93 10.40
CA CYS B 130 12.26 4.71 10.92
C CYS B 130 12.93 3.56 10.17
N LEU B 131 13.76 2.80 10.87
CA LEU B 131 14.58 1.77 10.27
CA LEU B 131 14.58 1.77 10.26
C LEU B 131 13.98 0.40 10.57
N ARG B 132 13.61 -0.35 9.53
CA ARG B 132 12.97 -1.64 9.72
C ARG B 132 13.62 -2.72 8.87
N PRO B 133 14.49 -3.54 9.45
CA PRO B 133 15.13 -4.63 8.70
C PRO B 133 14.20 -5.84 8.63
N ILE B 134 14.13 -6.43 7.42
CA ILE B 134 13.24 -7.53 7.15
C ILE B 134 14.09 -8.75 6.84
N ARG B 135 14.15 -9.70 7.79
CA ARG B 135 15.03 -10.86 7.73
C ARG B 135 14.22 -12.13 7.98
N TYR B 136 14.49 -13.16 7.18
CA TYR B 136 13.88 -14.46 7.39
C TYR B 136 14.76 -15.34 8.27
N PHE B 137 14.18 -15.86 9.35
CA PHE B 137 14.86 -16.80 10.23
C PHE B 137 14.45 -18.21 9.84
N ASN B 138 15.44 -19.08 9.63
CA ASN B 138 15.18 -20.42 9.13
C ASN B 138 14.21 -21.17 10.04
N GLY B 139 13.26 -21.86 9.43
CA GLY B 139 12.25 -22.61 10.15
C GLY B 139 10.97 -21.87 10.43
N VAL B 140 10.94 -20.57 10.21
CA VAL B 140 9.72 -19.80 10.49
C VAL B 140 8.67 -20.16 9.44
N PRO B 141 7.44 -20.50 9.84
CA PRO B 141 6.40 -20.80 8.86
C PRO B 141 6.04 -19.56 8.05
N SER B 142 5.76 -19.77 6.76
CA SER B 142 5.52 -18.66 5.86
C SER B 142 4.52 -19.09 4.78
N PRO B 143 3.59 -18.21 4.40
CA PRO B 143 2.71 -18.53 3.26
C PRO B 143 3.41 -18.38 1.92
N VAL B 144 4.64 -17.89 1.92
N VAL B 144 4.59 -17.81 1.88
CA VAL B 144 5.47 -17.67 0.75
CA VAL B 144 5.30 -17.73 0.60
C VAL B 144 6.33 -18.90 0.50
C VAL B 144 6.25 -18.91 0.48
N ARG B 145 6.48 -19.31 -0.77
CA ARG B 145 7.22 -20.54 -1.05
C ARG B 145 8.72 -20.37 -0.78
N GLU B 146 9.29 -19.21 -1.07
CA GLU B 146 10.73 -18.97 -0.94
C GLU B 146 10.98 -17.73 -0.09
N PRO B 147 10.67 -17.79 1.20
CA PRO B 147 10.84 -16.59 2.04
C PRO B 147 12.29 -16.16 2.22
N TRP B 148 13.26 -17.09 2.10
CA TRP B 148 14.66 -16.73 2.31
C TRP B 148 15.16 -15.71 1.29
N LYS B 149 14.45 -15.55 0.16
CA LYS B 149 14.83 -14.56 -0.83
C LYS B 149 14.49 -13.14 -0.41
N THR B 150 13.72 -12.95 0.64
CA THR B 150 13.41 -11.62 1.14
C THR B 150 14.47 -11.23 2.17
N ASP B 151 15.27 -10.22 1.83
CA ASP B 151 16.35 -9.70 2.69
C ASP B 151 16.47 -8.21 2.38
N MET B 152 15.65 -7.42 3.05
CA MET B 152 15.57 -5.99 2.76
C MET B 152 15.67 -5.20 4.04
N VAL B 153 15.98 -3.91 3.89
CA VAL B 153 16.00 -2.98 5.00
C VAL B 153 15.26 -1.71 4.58
N ILE B 154 14.21 -1.35 5.33
CA ILE B 154 13.34 -0.24 4.99
C ILE B 154 13.81 1.01 5.72
N PHE B 155 14.06 2.07 4.95
CA PHE B 155 14.28 3.42 5.48
C PHE B 155 12.99 4.18 5.21
N ARG B 156 12.20 4.38 6.25
CA ARG B 156 10.91 5.05 6.17
C ARG B 156 11.04 6.46 6.74
N GLU B 157 10.74 7.47 5.92
CA GLU B 157 10.77 8.85 6.39
C GLU B 157 9.80 9.03 7.55
N ASN B 158 10.24 9.71 8.59
CA ASN B 158 9.54 9.62 9.86
C ASN B 158 9.12 10.96 10.44
N SER B 159 9.23 12.07 9.67
CA SER B 159 8.94 13.39 10.25
C SER B 159 7.93 14.22 9.46
N GLU B 160 7.58 13.84 8.23
CA GLU B 160 6.62 14.63 7.46
C GLU B 160 5.69 13.68 6.70
N ASP B 161 5.22 14.08 5.50
CA ASP B 161 4.21 13.32 4.76
C ASP B 161 2.86 13.48 5.45
N ILE B 162 1.83 12.77 4.97
CA ILE B 162 0.47 12.95 5.48
C ILE B 162 0.35 12.54 6.94
N TYR B 163 1.33 11.78 7.44
CA TYR B 163 1.39 11.43 8.86
C TYR B 163 1.48 12.64 9.77
N ALA B 164 1.85 13.81 9.24
CA ALA B 164 2.05 14.99 10.06
C ALA B 164 0.82 15.34 10.90
N GLY B 165 -0.36 14.89 10.48
CA GLY B 165 -1.56 15.11 11.27
C GLY B 165 -2.32 16.38 10.96
N ILE B 166 -2.20 16.89 9.74
CA ILE B 166 -2.85 18.13 9.33
C ILE B 166 -4.15 17.77 8.62
N GLU B 167 -5.28 18.03 9.27
CA GLU B 167 -6.56 17.65 8.67
C GLU B 167 -7.69 18.33 9.43
N TRP B 168 -8.84 18.45 8.77
CA TRP B 168 -10.03 19.05 9.34
C TRP B 168 -11.27 18.21 9.04
N GLN B 169 -12.16 18.09 10.02
CA GLN B 169 -13.28 17.18 9.93
C GLN B 169 -14.41 17.78 9.09
N ALA B 170 -15.07 16.92 8.31
CA ALA B 170 -16.19 17.34 7.47
C ALA B 170 -17.21 18.15 8.26
N ASP B 171 -17.77 19.17 7.62
CA ASP B 171 -18.83 20.05 8.09
C ASP B 171 -18.40 21.00 9.20
N THR B 172 -17.11 21.02 9.58
CA THR B 172 -16.67 21.95 10.61
C THR B 172 -16.40 23.33 10.01
N PRO B 173 -16.45 24.39 10.83
CA PRO B 173 -16.07 25.71 10.31
C PRO B 173 -14.67 25.73 9.72
N GLU B 174 -13.69 25.03 10.32
CA GLU B 174 -12.34 25.03 9.77
C GLU B 174 -12.28 24.33 8.43
N ALA B 175 -12.98 23.19 8.29
CA ALA B 175 -13.00 22.50 7.01
C ALA B 175 -13.64 23.36 5.92
N LYS B 176 -14.74 24.02 6.25
CA LYS B 176 -15.38 24.88 5.25
C LYS B 176 -14.48 26.06 4.89
N LYS B 177 -13.72 26.56 5.87
CA LYS B 177 -12.78 27.64 5.63
C LYS B 177 -11.67 27.20 4.67
N VAL B 178 -11.10 26.01 4.90
CA VAL B 178 -10.05 25.50 4.01
C VAL B 178 -10.59 25.29 2.61
N ILE B 179 -11.79 24.70 2.50
CA ILE B 179 -12.35 24.44 1.19
C ILE B 179 -12.67 25.73 0.45
N GLN B 180 -13.11 26.78 1.16
CA GLN B 180 -13.36 28.05 0.50
C GLN B 180 -12.06 28.66 -0.03
N PHE B 181 -11.00 28.58 0.77
CA PHE B 181 -9.68 29.03 0.29
C PHE B 181 -9.26 28.25 -0.95
N LEU B 182 -9.39 26.93 -0.92
CA LEU B 182 -8.97 26.10 -2.06
C LEU B 182 -9.78 26.44 -3.30
N THR B 183 -11.10 26.60 -3.15
CA THR B 183 -11.95 26.78 -4.32
C THR B 183 -11.88 28.21 -4.85
N LYS B 184 -11.98 29.21 -3.98
CA LYS B 184 -12.04 30.59 -4.41
C LYS B 184 -10.64 31.23 -4.56
N GLU B 185 -9.76 31.08 -3.57
CA GLU B 185 -8.46 31.73 -3.66
C GLU B 185 -7.48 30.96 -4.55
N MET B 186 -7.46 29.63 -4.45
CA MET B 186 -6.56 28.85 -5.28
C MET B 186 -7.21 28.31 -6.55
N GLY B 187 -8.52 28.52 -6.73
CA GLY B 187 -9.17 28.12 -7.97
C GLY B 187 -9.31 26.63 -8.17
N VAL B 188 -9.37 25.85 -7.10
CA VAL B 188 -9.42 24.39 -7.22
C VAL B 188 -10.82 23.96 -7.66
N LYS B 189 -10.88 23.13 -8.70
CA LYS B 189 -12.14 22.65 -9.23
C LYS B 189 -12.30 21.14 -9.11
N LYS B 190 -11.29 20.43 -8.62
CA LYS B 190 -11.24 18.97 -8.68
C LYS B 190 -11.83 18.29 -7.45
N ILE B 191 -12.42 19.04 -6.53
CA ILE B 191 -13.08 18.42 -5.38
C ILE B 191 -14.46 17.95 -5.83
N ARG B 192 -14.65 16.63 -5.88
CA ARG B 192 -15.88 16.08 -6.44
C ARG B 192 -17.09 16.43 -5.58
N PHE B 193 -16.96 16.26 -4.27
CA PHE B 193 -18.04 16.54 -3.32
C PHE B 193 -17.49 17.49 -2.27
N PRO B 194 -17.66 18.80 -2.45
CA PRO B 194 -17.04 19.77 -1.52
C PRO B 194 -17.81 19.95 -0.21
N GLU B 195 -19.02 19.43 -0.10
CA GLU B 195 -19.77 19.49 1.15
C GLU B 195 -19.63 18.16 1.87
N HIS B 196 -19.74 18.21 3.20
CA HIS B 196 -19.56 17.04 4.05
C HIS B 196 -18.26 16.32 3.70
N CYS B 197 -17.17 17.09 3.66
CA CYS B 197 -15.91 16.66 3.07
C CYS B 197 -14.78 16.89 4.06
N GLY B 198 -14.13 15.81 4.50
CA GLY B 198 -12.89 15.93 5.25
C GLY B 198 -11.71 16.29 4.35
N ILE B 199 -10.72 16.96 4.92
CA ILE B 199 -9.56 17.46 4.17
C ILE B 199 -8.29 17.14 4.94
N GLY B 200 -7.32 16.52 4.27
CA GLY B 200 -5.99 16.32 4.84
C GLY B 200 -4.92 16.95 3.97
N VAL B 201 -3.78 17.29 4.59
CA VAL B 201 -2.69 17.96 3.91
C VAL B 201 -1.44 17.08 3.99
N LYS B 202 -0.72 16.99 2.87
CA LYS B 202 0.47 16.14 2.70
C LYS B 202 1.66 17.01 2.36
N PRO B 203 2.52 17.32 3.33
CA PRO B 203 3.75 18.05 3.01
C PRO B 203 4.94 17.12 2.84
N VAL B 204 5.73 17.34 1.79
CA VAL B 204 6.97 16.61 1.57
C VAL B 204 8.01 17.62 1.09
N SER B 205 9.18 17.63 1.73
CA SER B 205 10.13 18.72 1.55
C SER B 205 11.49 18.20 1.09
N ARG B 206 12.31 19.12 0.56
CA ARG B 206 13.66 18.78 0.14
C ARG B 206 14.53 18.37 1.34
N GLU B 207 14.49 19.16 2.42
CA GLU B 207 15.36 18.83 3.55
CA GLU B 207 15.34 18.84 3.56
C GLU B 207 14.96 17.51 4.19
N GLY B 208 13.65 17.23 4.30
CA GLY B 208 13.21 15.98 4.89
C GLY B 208 13.58 14.77 4.05
N THR B 209 13.34 14.85 2.73
CA THR B 209 13.76 13.78 1.84
C THR B 209 15.27 13.57 1.90
N THR B 210 16.03 14.67 1.84
CA THR B 210 17.47 14.60 1.72
C THR B 210 18.07 13.83 2.89
N ARG B 211 17.64 14.15 4.12
CA ARG B 211 18.29 13.49 5.26
C ARG B 211 17.91 12.01 5.36
N LEU B 212 16.69 11.65 4.94
CA LEU B 212 16.29 10.24 4.97
C LEU B 212 17.05 9.44 3.91
N VAL B 213 17.08 9.92 2.67
CA VAL B 213 17.77 9.20 1.61
C VAL B 213 19.27 9.14 1.87
N LYS B 214 19.86 10.20 2.43
CA LYS B 214 21.28 10.15 2.75
C LYS B 214 21.55 9.02 3.74
N ALA B 215 20.71 8.86 4.75
CA ALA B 215 20.90 7.77 5.72
C ALA B 215 20.75 6.42 5.05
N ALA B 216 19.78 6.29 4.14
CA ALA B 216 19.58 5.02 3.43
C ALA B 216 20.80 4.64 2.61
N ILE B 217 21.37 5.61 1.90
CA ILE B 217 22.52 5.32 1.04
C ILE B 217 23.74 4.98 1.89
N GLN B 218 23.96 5.73 2.97
CA GLN B 218 25.09 5.44 3.83
C GLN B 218 24.96 4.05 4.43
N TYR B 219 23.74 3.61 4.72
CA TYR B 219 23.54 2.26 5.23
C TYR B 219 23.95 1.22 4.19
N ALA B 220 23.61 1.45 2.93
CA ALA B 220 24.06 0.53 1.87
C ALA B 220 25.58 0.45 1.82
N ILE B 221 26.26 1.58 2.02
CA ILE B 221 27.72 1.58 2.02
C ILE B 221 28.24 0.79 3.21
N ASP B 222 27.71 1.08 4.40
CA ASP B 222 28.24 0.49 5.62
C ASP B 222 27.98 -1.01 5.72
N ASN B 223 26.94 -1.49 5.06
CA ASN B 223 26.56 -2.90 5.14
C ASN B 223 26.72 -3.63 3.81
N ASP B 224 27.47 -3.03 2.89
CA ASP B 224 27.81 -3.66 1.61
C ASP B 224 26.58 -4.19 0.89
N ARG B 225 25.55 -3.36 0.82
CA ARG B 225 24.37 -3.68 0.03
C ARG B 225 24.44 -2.97 -1.31
N SER B 226 23.85 -3.58 -2.34
CA SER B 226 24.13 -3.20 -3.72
CA SER B 226 24.11 -3.22 -3.72
C SER B 226 23.06 -2.32 -4.36
N THR B 227 21.88 -2.17 -3.75
CA THR B 227 20.85 -1.34 -4.34
CA THR B 227 20.81 -1.38 -4.34
C THR B 227 20.13 -0.54 -3.27
N VAL B 228 19.75 0.68 -3.65
CA VAL B 228 18.85 1.54 -2.88
C VAL B 228 17.69 1.88 -3.81
N THR B 229 16.47 1.52 -3.40
CA THR B 229 15.29 1.71 -4.25
C THR B 229 14.37 2.76 -3.64
N LEU B 230 14.13 3.83 -4.39
CA LEU B 230 13.18 4.87 -3.98
C LEU B 230 11.77 4.44 -4.38
N VAL B 231 10.88 4.28 -3.40
CA VAL B 231 9.51 3.83 -3.68
C VAL B 231 8.56 5.00 -3.47
N HIS B 232 7.74 5.27 -4.49
CA HIS B 232 7.00 6.52 -4.59
C HIS B 232 5.78 6.28 -5.45
N LYS B 233 4.76 7.12 -5.27
CA LYS B 233 3.67 7.17 -6.23
C LYS B 233 3.70 8.53 -6.94
N GLY B 234 4.82 8.83 -7.62
CA GLY B 234 5.02 10.17 -8.13
C GLY B 234 4.35 10.49 -9.44
N ASN B 235 3.68 9.54 -10.05
CA ASN B 235 2.90 9.83 -11.25
C ASN B 235 1.59 10.54 -10.91
N ILE B 236 0.95 10.12 -9.82
CA ILE B 236 -0.29 10.74 -9.33
C ILE B 236 0.01 11.89 -8.36
N MET B 237 0.94 11.71 -7.42
CA MET B 237 1.35 12.77 -6.48
C MET B 237 2.71 13.31 -6.93
N LYS B 238 2.66 14.22 -7.91
CA LYS B 238 3.87 14.62 -8.62
C LYS B 238 4.79 15.45 -7.74
N PHE B 239 4.22 16.33 -6.91
CA PHE B 239 4.99 17.35 -6.20
C PHE B 239 5.29 16.97 -4.77
N THR B 240 4.81 15.82 -4.32
CA THR B 240 5.16 15.27 -3.02
C THR B 240 5.95 13.99 -3.23
N GLU B 241 5.31 12.91 -3.69
CA GLU B 241 6.02 11.65 -3.87
C GLU B 241 6.97 11.72 -5.07
N GLY B 242 6.57 12.38 -6.16
CA GLY B 242 7.47 12.53 -7.29
C GLY B 242 8.67 13.39 -6.95
N ALA B 243 8.46 14.42 -6.13
CA ALA B 243 9.56 15.28 -5.74
C ALA B 243 10.52 14.53 -4.81
N PHE B 244 9.98 13.68 -3.94
CA PHE B 244 10.81 12.77 -3.13
C PHE B 244 11.76 11.97 -4.01
N LYS B 245 11.24 11.39 -5.09
CA LYS B 245 12.09 10.64 -5.99
C LYS B 245 13.23 11.51 -6.54
N ASP B 246 12.89 12.71 -7.02
CA ASP B 246 13.90 13.56 -7.62
C ASP B 246 14.91 14.07 -6.58
N TRP B 247 14.42 14.45 -5.39
CA TRP B 247 15.34 14.87 -4.34
C TRP B 247 16.21 13.70 -3.88
N GLY B 248 15.69 12.48 -3.94
CA GLY B 248 16.49 11.33 -3.54
C GLY B 248 17.64 11.07 -4.50
N TYR B 249 17.37 11.17 -5.80
CA TYR B 249 18.43 11.07 -6.79
C TYR B 249 19.45 12.19 -6.62
N GLN B 250 18.98 13.39 -6.28
CA GLN B 250 19.91 14.50 -6.06
C GLN B 250 20.87 14.19 -4.92
N VAL B 251 20.37 13.57 -3.84
CA VAL B 251 21.25 13.16 -2.74
C VAL B 251 22.37 12.27 -3.24
N ALA B 252 22.05 11.30 -4.11
CA ALA B 252 23.08 10.43 -4.66
C ALA B 252 24.16 11.25 -5.34
N ARG B 253 23.76 12.24 -6.15
CA ARG B 253 24.75 13.08 -6.83
C ARG B 253 25.49 13.98 -5.85
N ASP B 254 24.76 14.69 -4.98
CA ASP B 254 25.39 15.69 -4.12
C ASP B 254 26.32 15.05 -3.10
N SER B 255 25.88 13.97 -2.45
CA SER B 255 26.58 13.45 -1.28
C SER B 255 27.43 12.21 -1.55
N PHE B 256 27.25 11.54 -2.68
CA PHE B 256 27.97 10.30 -2.91
C PHE B 256 28.66 10.24 -4.26
N GLY B 257 28.67 11.34 -5.02
CA GLY B 257 29.36 11.38 -6.29
C GLY B 257 28.72 10.52 -7.37
N ALA B 258 27.43 10.26 -7.27
CA ALA B 258 26.78 9.37 -8.21
C ALA B 258 26.59 10.05 -9.56
N LYS B 259 26.39 9.23 -10.58
CA LYS B 259 26.16 9.70 -11.93
C LYS B 259 25.04 8.86 -12.52
N GLU B 260 24.46 9.35 -13.61
CA GLU B 260 23.42 8.60 -14.29
C GLU B 260 23.96 7.24 -14.71
N TYR B 261 23.16 6.20 -14.47
CA TYR B 261 23.49 4.84 -14.87
C TYR B 261 22.74 4.52 -16.15
N GLN B 262 23.51 4.25 -17.21
CA GLN B 262 22.99 3.80 -18.50
C GLN B 262 21.83 4.65 -18.99
N GLY B 263 22.00 5.97 -18.91
CA GLY B 263 21.05 6.90 -19.47
C GLY B 263 19.96 7.39 -18.53
N GLY B 264 19.99 7.00 -17.26
CA GLY B 264 19.06 7.52 -16.29
C GLY B 264 17.68 6.92 -16.41
N PRO B 265 16.79 7.20 -15.45
CA PRO B 265 16.96 8.09 -14.30
C PRO B 265 17.81 7.48 -13.20
N TRP B 266 18.09 6.18 -13.31
CA TRP B 266 18.83 5.49 -12.26
C TRP B 266 20.23 6.08 -12.12
N MET B 267 20.76 6.06 -10.90
CA MET B 267 22.06 6.61 -10.59
C MET B 267 22.98 5.49 -10.10
N GLU B 268 24.29 5.72 -10.18
CA GLU B 268 25.24 4.73 -9.68
C GLU B 268 26.48 5.42 -9.11
N PHE B 269 27.11 4.75 -8.13
CA PHE B 269 28.42 5.16 -7.65
C PHE B 269 29.11 3.92 -7.06
N LYS B 270 30.40 4.05 -6.80
CA LYS B 270 31.16 2.93 -6.25
C LYS B 270 31.29 3.09 -4.74
N ASN B 271 30.98 2.03 -4.01
CA ASN B 271 31.17 1.98 -2.57
C ASN B 271 32.60 2.45 -2.23
N PRO B 272 32.76 3.51 -1.42
CA PRO B 272 34.10 4.05 -1.18
C PRO B 272 34.97 3.17 -0.33
N LYS B 273 34.38 2.21 0.40
CA LYS B 273 35.15 1.29 1.22
C LYS B 273 35.52 0.02 0.47
N THR B 274 34.65 -0.47 -0.41
CA THR B 274 34.88 -1.74 -1.09
C THR B 274 35.01 -1.65 -2.60
N GLY B 275 34.58 -0.56 -3.22
CA GLY B 275 34.63 -0.43 -4.66
C GLY B 275 33.48 -1.07 -5.42
N LYS B 276 32.61 -1.82 -4.74
CA LYS B 276 31.49 -2.46 -5.41
C LYS B 276 30.46 -1.42 -5.84
N GLN B 277 29.84 -1.65 -7.01
CA GLN B 277 28.89 -0.68 -7.54
C GLN B 277 27.59 -0.70 -6.73
N ILE B 278 27.10 0.49 -6.40
CA ILE B 278 25.79 0.66 -5.77
C ILE B 278 24.89 1.38 -6.77
N ILE B 279 23.72 0.81 -7.02
CA ILE B 279 22.73 1.38 -7.93
CA ILE B 279 22.75 1.41 -7.93
C ILE B 279 21.62 2.02 -7.10
N ILE B 280 21.24 3.24 -7.45
N ILE B 280 21.22 3.23 -7.48
CA ILE B 280 20.05 3.87 -6.90
CA ILE B 280 20.07 3.89 -6.91
C ILE B 280 18.99 3.86 -7.98
C ILE B 280 18.98 3.88 -7.98
N ASN B 281 17.85 3.24 -7.69
CA ASN B 281 16.77 3.19 -8.68
C ASN B 281 15.43 3.53 -8.03
N ASP B 282 14.33 3.41 -8.78
CA ASP B 282 13.03 3.74 -8.22
C ASP B 282 11.97 2.84 -8.84
N VAL B 283 10.90 2.64 -8.08
CA VAL B 283 9.77 1.81 -8.47
C VAL B 283 8.50 2.50 -7.97
N ILE B 284 7.45 2.50 -8.79
CA ILE B 284 6.19 3.08 -8.34
C ILE B 284 5.55 2.14 -7.33
N ALA B 285 4.88 2.72 -6.33
CA ALA B 285 4.60 2.00 -5.08
C ALA B 285 3.63 0.84 -5.28
N ASP B 286 2.63 0.99 -6.14
CA ASP B 286 1.69 -0.11 -6.31
C ASP B 286 2.36 -1.30 -7.01
N ALA B 287 3.13 -1.02 -8.07
CA ALA B 287 3.92 -2.07 -8.70
C ALA B 287 4.89 -2.70 -7.71
N PHE B 288 5.45 -1.90 -6.82
CA PHE B 288 6.43 -2.42 -5.86
C PHE B 288 5.81 -3.51 -4.98
N LEU B 289 4.53 -3.36 -4.61
CA LEU B 289 3.90 -4.37 -3.78
C LEU B 289 3.71 -5.69 -4.54
N GLN B 290 3.75 -5.67 -5.87
CA GLN B 290 3.88 -6.95 -6.58
C GLN B 290 5.33 -7.42 -6.62
N GLN B 291 6.27 -6.50 -6.88
CA GLN B 291 7.67 -6.85 -7.05
C GLN B 291 8.25 -7.55 -5.82
N ILE B 292 7.81 -7.15 -4.63
CA ILE B 292 8.42 -7.75 -3.44
C ILE B 292 8.03 -9.22 -3.28
N LEU B 293 6.92 -9.64 -3.89
CA LEU B 293 6.53 -11.04 -3.89
C LEU B 293 7.11 -11.82 -5.05
N LEU B 294 7.15 -11.22 -6.25
CA LEU B 294 7.53 -11.95 -7.45
C LEU B 294 9.00 -11.82 -7.78
N ARG B 295 9.65 -10.74 -7.35
CA ARG B 295 11.08 -10.55 -7.58
C ARG B 295 11.78 -10.03 -6.33
N PRO B 296 11.61 -10.66 -5.16
CA PRO B 296 12.22 -10.09 -3.95
C PRO B 296 13.73 -10.03 -4.02
N GLU B 297 14.36 -10.92 -4.80
CA GLU B 297 15.81 -10.96 -4.88
C GLU B 297 16.39 -9.70 -5.50
N ASP B 298 15.59 -8.86 -6.14
CA ASP B 298 16.09 -7.67 -6.82
C ASP B 298 16.21 -6.45 -5.90
N TYR B 299 15.79 -6.55 -4.64
CA TYR B 299 15.73 -5.40 -3.74
C TYR B 299 16.54 -5.64 -2.48
N SER B 300 17.11 -4.55 -1.95
CA SER B 300 17.95 -4.60 -0.75
C SER B 300 17.55 -3.47 0.18
N VAL B 301 18.12 -2.27 0.02
CA VAL B 301 17.71 -1.12 0.82
C VAL B 301 16.55 -0.41 0.12
N ILE B 302 15.52 -0.08 0.89
CA ILE B 302 14.34 0.62 0.40
C ILE B 302 14.30 1.98 1.09
N ALA B 303 14.13 3.05 0.30
CA ALA B 303 14.01 4.40 0.84
C ALA B 303 12.66 4.95 0.38
N THR B 304 11.81 5.34 1.33
CA THR B 304 10.46 5.73 0.93
C THR B 304 9.87 6.70 1.96
N LEU B 305 8.66 7.14 1.68
CA LEU B 305 7.98 8.14 2.49
C LEU B 305 7.31 7.50 3.71
N ASN B 306 6.74 8.38 4.56
CA ASN B 306 6.18 7.94 5.84
C ASN B 306 5.07 6.93 5.63
N LEU B 307 4.06 7.29 4.82
CA LEU B 307 2.93 6.39 4.61
C LEU B 307 3.35 5.15 3.87
N ASN B 308 4.06 5.31 2.74
CA ASN B 308 4.48 4.14 1.97
C ASN B 308 5.30 3.19 2.83
N GLY B 309 6.18 3.73 3.68
CA GLY B 309 7.02 2.88 4.50
C GLY B 309 6.23 2.10 5.53
N ASP B 310 5.18 2.71 6.08
CA ASP B 310 4.30 2.03 7.01
C ASP B 310 3.67 0.81 6.34
N TYR B 311 3.16 0.98 5.12
CA TYR B 311 2.50 -0.11 4.41
C TYR B 311 3.48 -1.21 4.01
N ILE B 312 4.65 -0.81 3.52
CA ILE B 312 5.62 -1.78 3.00
C ILE B 312 6.21 -2.61 4.14
N SER B 313 6.43 -1.99 5.30
CA SER B 313 6.95 -2.72 6.46
C SER B 313 6.08 -3.93 6.77
N ASP B 314 4.76 -3.76 6.79
CA ASP B 314 3.88 -4.86 7.17
C ASP B 314 3.76 -5.90 6.07
N ALA B 315 3.66 -5.45 4.81
CA ALA B 315 3.60 -6.40 3.70
C ALA B 315 4.87 -7.25 3.64
N LEU B 316 6.03 -6.64 3.85
CA LEU B 316 7.27 -7.40 3.83
C LEU B 316 7.40 -8.31 5.05
N ALA B 317 7.05 -7.78 6.24
CA ALA B 317 7.11 -8.63 7.43
C ALA B 317 6.27 -9.89 7.25
N ALA B 318 5.13 -9.76 6.59
CA ALA B 318 4.25 -10.91 6.41
C ALA B 318 4.90 -12.02 5.61
N GLN B 319 5.82 -11.67 4.70
CA GLN B 319 6.51 -12.69 3.92
C GLN B 319 7.48 -13.52 4.76
N VAL B 320 7.98 -12.96 5.85
CA VAL B 320 8.99 -13.65 6.66
C VAL B 320 8.44 -14.06 8.03
N GLY B 321 7.12 -14.15 8.20
CA GLY B 321 6.59 -14.59 9.48
C GLY B 321 5.57 -13.67 10.11
N GLY B 322 5.52 -12.41 9.69
CA GLY B 322 4.56 -11.45 10.20
C GLY B 322 5.17 -10.52 11.23
N ILE B 323 4.33 -9.61 11.74
CA ILE B 323 4.88 -8.48 12.49
C ILE B 323 5.16 -8.89 13.93
N GLY B 324 5.01 -10.18 14.24
CA GLY B 324 5.52 -10.73 15.49
C GLY B 324 7.01 -10.97 15.51
N ILE B 325 7.69 -10.74 14.39
CA ILE B 325 9.14 -10.89 14.31
C ILE B 325 9.67 -9.79 13.40
N ALA B 326 9.27 -8.54 13.69
CA ALA B 326 9.56 -7.39 12.83
C ALA B 326 10.05 -6.25 13.72
N PRO B 327 11.37 -6.13 13.91
CA PRO B 327 11.91 -5.08 14.78
C PRO B 327 12.02 -3.73 14.06
N GLY B 328 12.28 -2.69 14.86
CA GLY B 328 12.41 -1.35 14.31
C GLY B 328 13.18 -0.41 15.21
N ALA B 329 13.57 0.71 14.62
CA ALA B 329 14.24 1.77 15.35
C ALA B 329 13.82 3.11 14.78
N ASN B 330 13.67 4.11 15.66
CA ASN B 330 13.46 5.50 15.27
C ASN B 330 14.73 6.25 15.62
N ILE B 331 15.43 6.76 14.61
CA ILE B 331 16.83 7.18 14.76
C ILE B 331 17.00 8.62 14.28
N SER B 332 17.69 9.43 15.06
CA SER B 332 18.13 10.74 14.58
C SER B 332 19.52 10.61 14.01
N ASP B 333 20.53 10.93 14.82
CA ASP B 333 21.90 10.54 14.54
C ASP B 333 22.24 9.34 15.42
N GLN B 334 22.57 9.60 16.68
CA GLN B 334 22.75 8.55 17.67
C GLN B 334 21.64 8.54 18.72
N MET B 335 20.74 9.52 18.71
CA MET B 335 19.56 9.48 19.55
C MET B 335 18.55 8.54 18.93
N ALA B 336 18.01 7.61 19.72
CA ALA B 336 17.27 6.50 19.13
C ALA B 336 16.20 5.99 20.10
N VAL B 337 15.03 5.66 19.55
CA VAL B 337 13.97 4.98 20.30
C VAL B 337 13.64 3.70 19.53
N PHE B 338 13.97 2.56 20.13
CA PHE B 338 13.75 1.27 19.50
C PHE B 338 12.33 0.81 19.78
N GLU B 339 11.74 0.12 18.80
CA GLU B 339 10.30 -0.05 18.79
C GLU B 339 9.85 -1.09 17.75
N ALA B 340 9.03 -2.05 18.17
CA ALA B 340 8.50 -3.07 17.25
C ALA B 340 7.63 -2.42 16.17
N THR B 341 7.49 -3.14 15.05
CA THR B 341 6.64 -2.64 13.97
C THR B 341 5.16 -2.71 14.33
N HIS B 342 4.79 -3.65 15.21
CA HIS B 342 3.38 -3.92 15.49
C HIS B 342 2.79 -2.87 16.45
N GLY B 343 1.47 -2.89 16.54
CA GLY B 343 0.71 -2.04 17.41
C GLY B 343 0.34 -2.71 18.72
N THR B 344 -0.76 -2.26 19.32
CA THR B 344 -1.17 -2.68 20.66
C THR B 344 -2.03 -3.93 20.68
N ALA B 345 -2.48 -4.43 19.51
CA ALA B 345 -3.32 -5.61 19.33
C ALA B 345 -4.28 -5.82 20.50
N PRO B 346 -5.25 -4.91 20.69
CA PRO B 346 -6.05 -4.95 21.93
C PRO B 346 -6.79 -6.24 22.16
N LYS B 347 -7.16 -6.98 21.12
CA LYS B 347 -7.94 -8.21 21.33
C LYS B 347 -7.15 -9.29 22.04
N TYR B 348 -5.83 -9.15 22.12
CA TYR B 348 -4.98 -10.11 22.81
C TYR B 348 -4.40 -9.58 24.10
N ALA B 349 -4.70 -8.33 24.45
CA ALA B 349 -3.96 -7.64 25.51
C ALA B 349 -4.08 -8.37 26.84
N GLY B 350 -2.94 -8.55 27.51
CA GLY B 350 -2.90 -9.17 28.82
C GLY B 350 -2.99 -10.68 28.82
N GLN B 351 -3.18 -11.30 27.66
CA GLN B 351 -3.33 -12.75 27.58
C GLN B 351 -2.00 -13.50 27.52
N ASN B 352 -0.87 -12.79 27.55
CA ASN B 352 0.44 -13.44 27.51
C ASN B 352 0.54 -14.36 26.29
N LYS B 353 0.01 -13.89 25.17
CA LYS B 353 -0.18 -14.70 23.97
C LYS B 353 0.74 -14.34 22.81
N VAL B 354 0.94 -13.04 22.55
CA VAL B 354 1.55 -12.60 21.31
C VAL B 354 3.04 -12.87 21.28
N ASN B 355 3.63 -12.72 20.10
CA ASN B 355 5.05 -12.97 19.91
C ASN B 355 5.86 -11.79 20.46
N PRO B 356 6.77 -12.00 21.41
CA PRO B 356 7.67 -10.92 21.82
C PRO B 356 8.88 -10.74 20.92
N GLY B 357 8.95 -11.44 19.78
CA GLY B 357 10.17 -11.40 18.98
C GLY B 357 10.46 -10.03 18.40
N SER B 358 9.42 -9.28 18.03
CA SER B 358 9.63 -7.99 17.40
C SER B 358 10.31 -7.01 18.33
N ILE B 359 9.83 -6.91 19.58
CA ILE B 359 10.45 -5.97 20.51
C ILE B 359 11.79 -6.50 20.99
N ILE B 360 11.95 -7.83 21.09
CA ILE B 360 13.23 -8.39 21.48
C ILE B 360 14.27 -8.14 20.39
N LEU B 361 13.87 -8.28 19.12
CA LEU B 361 14.79 -7.96 18.03
C LEU B 361 15.05 -6.45 17.92
N SER B 362 14.11 -5.62 18.38
CA SER B 362 14.38 -4.18 18.48
C SER B 362 15.42 -3.91 19.56
N ALA B 363 15.35 -4.63 20.68
CA ALA B 363 16.40 -4.53 21.69
C ALA B 363 17.72 -5.09 21.16
N GLU B 364 17.67 -6.13 20.31
CA GLU B 364 18.87 -6.57 19.61
C GLU B 364 19.49 -5.44 18.79
N MET B 365 18.66 -4.70 18.04
CA MET B 365 19.15 -3.52 17.34
C MET B 365 19.75 -2.50 18.32
N MET B 366 19.11 -2.32 19.47
CA MET B 366 19.58 -1.35 20.46
C MET B 366 20.95 -1.74 21.00
N LEU B 367 21.14 -3.01 21.36
CA LEU B 367 22.44 -3.43 21.86
C LEU B 367 23.53 -3.25 20.81
N ARG B 368 23.23 -3.58 19.54
CA ARG B 368 24.21 -3.35 18.48
C ARG B 368 24.47 -1.86 18.30
N HIS B 369 23.43 -1.03 18.44
CA HIS B 369 23.61 0.42 18.38
C HIS B 369 24.50 0.92 19.52
N MET B 370 24.50 0.22 20.64
CA MET B 370 25.37 0.54 21.76
C MET B 370 26.76 -0.06 21.61
N GLY B 371 27.01 -0.84 20.55
CA GLY B 371 28.28 -1.52 20.41
C GLY B 371 28.45 -2.74 21.29
N TRP B 372 27.39 -3.20 21.94
CA TRP B 372 27.46 -4.41 22.76
C TRP B 372 27.12 -5.61 21.87
N TYR B 373 28.03 -5.85 20.91
CA TYR B 373 27.76 -6.81 19.85
C TYR B 373 27.67 -8.24 20.37
N GLU B 374 28.43 -8.56 21.43
CA GLU B 374 28.39 -9.92 21.99
C GLU B 374 27.02 -10.22 22.58
N ALA B 375 26.43 -9.27 23.30
CA ALA B 375 25.08 -9.47 23.83
C ALA B 375 24.06 -9.57 22.71
N ALA B 376 24.23 -8.74 21.67
CA ALA B 376 23.31 -8.78 20.53
C ALA B 376 23.38 -10.11 19.79
N ASP B 377 24.58 -10.66 19.64
CA ASP B 377 24.71 -11.97 18.99
C ASP B 377 24.02 -13.07 19.79
N LEU B 378 24.01 -12.94 21.13
CA LEU B 378 23.33 -13.92 21.97
C LEU B 378 21.81 -13.89 21.79
N ILE B 379 21.23 -12.73 21.54
CA ILE B 379 19.78 -12.69 21.29
C ILE B 379 19.45 -13.39 19.98
N ILE B 380 20.29 -13.17 18.96
CA ILE B 380 20.10 -13.87 17.68
C ILE B 380 20.19 -15.38 17.89
N ARG B 381 21.21 -15.83 18.62
CA ARG B 381 21.37 -17.25 18.89
C ARG B 381 20.20 -17.81 19.68
N GLY B 382 19.74 -17.08 20.70
CA GLY B 382 18.57 -17.54 21.44
C GLY B 382 17.33 -17.61 20.56
N MET B 383 17.19 -16.68 19.62
CA MET B 383 16.02 -16.68 18.76
C MET B 383 16.03 -17.89 17.84
N GLU B 384 17.14 -18.13 17.14
CA GLU B 384 17.21 -19.25 16.20
C GLU B 384 17.06 -20.58 16.91
N GLY B 385 17.63 -20.71 18.11
CA GLY B 385 17.48 -21.95 18.85
C GLY B 385 16.07 -22.21 19.32
N ALA B 386 15.37 -21.16 19.77
CA ALA B 386 13.98 -21.34 20.21
C ALA B 386 13.08 -21.72 19.03
N ILE B 387 13.33 -21.12 17.85
CA ILE B 387 12.57 -21.49 16.67
C ILE B 387 12.92 -22.91 16.22
N GLU B 388 14.21 -23.27 16.25
CA GLU B 388 14.63 -24.60 15.83
C GLU B 388 14.04 -25.67 16.75
N ALA B 389 13.96 -25.37 18.05
CA ALA B 389 13.32 -26.28 19.00
C ALA B 389 11.80 -26.30 18.87
N LYS B 390 11.24 -25.44 18.02
CA LYS B 390 9.81 -25.40 17.71
C LYS B 390 8.96 -25.05 18.93
N THR B 391 9.51 -24.29 19.87
CA THR B 391 8.75 -23.79 21.02
C THR B 391 8.44 -22.32 20.73
N VAL B 392 7.22 -22.06 20.24
CA VAL B 392 6.89 -20.79 19.60
C VAL B 392 5.51 -20.30 20.04
N THR B 393 5.29 -18.99 19.84
CA THR B 393 4.00 -18.39 20.13
C THR B 393 2.98 -18.72 19.04
N TYR B 394 1.74 -18.27 19.29
CA TYR B 394 0.58 -18.74 18.53
C TYR B 394 0.71 -18.45 17.04
N ASP B 395 1.33 -17.32 16.68
CA ASP B 395 1.41 -16.92 15.28
C ASP B 395 2.27 -17.89 14.47
N PHE B 396 3.35 -18.39 15.07
CA PHE B 396 4.20 -19.39 14.43
C PHE B 396 3.68 -20.81 14.62
N GLU B 397 3.07 -21.09 15.79
CA GLU B 397 2.71 -22.47 16.11
C GLU B 397 1.69 -23.03 15.11
N ARG B 398 0.76 -22.19 14.66
CA ARG B 398 -0.35 -22.72 13.85
C ARG B 398 0.12 -23.18 12.48
N GLY B 399 1.27 -22.72 12.01
CA GLY B 399 1.80 -23.16 10.73
C GLY B 399 3.01 -24.09 10.82
N MET B 400 3.41 -24.48 12.03
CA MET B 400 4.64 -25.22 12.24
C MET B 400 4.33 -26.66 12.65
N GLN B 401 4.80 -27.62 11.86
CA GLN B 401 4.60 -29.03 12.17
C GLN B 401 5.36 -29.41 13.44
N GLY B 402 4.68 -30.11 14.34
CA GLY B 402 5.32 -30.57 15.56
C GLY B 402 5.64 -29.49 16.56
N ALA B 403 5.07 -28.31 16.42
CA ALA B 403 5.37 -27.20 17.31
C ALA B 403 4.74 -27.40 18.69
N THR B 404 5.38 -26.81 19.70
CA THR B 404 4.81 -26.69 21.04
C THR B 404 4.43 -25.23 21.24
N LEU B 405 3.18 -24.99 21.62
CA LEU B 405 2.71 -23.63 21.87
C LEU B 405 3.26 -23.13 23.20
N VAL B 406 3.91 -21.96 23.17
CA VAL B 406 4.36 -21.32 24.40
C VAL B 406 3.79 -19.90 24.44
N SER B 407 3.73 -19.35 25.65
CA SER B 407 3.28 -17.98 25.87
C SER B 407 4.38 -16.99 25.51
N SER B 408 4.03 -15.70 25.58
CA SER B 408 5.03 -14.65 25.37
C SER B 408 6.20 -14.82 26.33
N SER B 409 5.91 -14.97 27.63
CA SER B 409 6.98 -15.17 28.58
C SER B 409 7.62 -16.55 28.42
N GLY B 410 6.84 -17.53 27.96
CA GLY B 410 7.42 -18.84 27.67
C GLY B 410 8.38 -18.79 26.51
N PHE B 411 8.09 -17.95 25.51
CA PHE B 411 9.06 -17.78 24.44
C PHE B 411 10.33 -17.10 24.94
N ALA B 412 10.20 -16.18 25.88
CA ALA B 412 11.40 -15.57 26.46
C ALA B 412 12.27 -16.61 27.13
N ASP B 413 11.65 -17.54 27.87
CA ASP B 413 12.41 -18.61 28.50
C ASP B 413 13.13 -19.46 27.46
N ALA B 414 12.41 -19.84 26.38
CA ALA B 414 13.02 -20.66 25.35
C ALA B 414 14.24 -19.98 24.74
N MET B 415 14.16 -18.65 24.55
CA MET B 415 15.29 -17.93 23.97
C MET B 415 16.48 -17.93 24.92
N ILE B 416 16.24 -17.66 26.20
CA ILE B 416 17.31 -17.67 27.20
C ILE B 416 17.95 -19.04 27.29
N LYS B 417 17.16 -20.10 27.08
CA LYS B 417 17.65 -21.46 27.17
C LYS B 417 18.66 -21.79 26.07
N HIS B 418 18.66 -21.04 24.96
CA HIS B 418 19.48 -21.36 23.80
C HIS B 418 20.58 -20.35 23.55
N MET B 419 20.85 -19.46 24.49
CA MET B 419 21.93 -18.50 24.32
C MET B 419 23.29 -19.16 24.51
#